data_5T3B
#
_entry.id   5T3B
#
_cell.length_a   73.100
_cell.length_b   87.370
_cell.length_c   74.670
_cell.angle_alpha   90.000
_cell.angle_beta   105.500
_cell.angle_gamma   90.000
#
_symmetry.space_group_name_H-M   'P 1 21 1'
#
loop_
_entity.id
_entity.type
_entity.pdbx_description
1 polymer 'Glycoside Hydrolase'
2 non-polymer 1,2-ETHANEDIOL
3 water water
#
_entity_poly.entity_id   1
_entity_poly.type   'polypeptide(L)'
_entity_poly.pdbx_seq_one_letter_code
;MGSSHHHHHHSSGLVPRGSHMASLPVPGPAETYPNSTKQYQPIIVEYAEKPDKAFIEAKTRILPYLVGYEQQTKTQDEYL
QSVNKYGSYAKGQKFKATGRFRVEKNSNGRSWIVDPEGYPYYVRGIASFRMDGNSSAFGKLYSSVDDWVAKSQKQFSEIG
FHSVCAFGKEEGDKAVNDYNKSASSPLTQAPSFSFLAEFKNSKGISYPGQNVNLKIGLVFYDGWDEWCKEYLNSDAFGMF
RNNPDVLGFFSDNEIDFSTWGNRLLDRFLKISNKQDPAYIAAAKFMTDKDKSANVSDVTDELNNEFAGICAEKYYSAIKN
AVKASKDPELLYLGSRLHSLPKYNSYIIKAAGKYCDVISINYYSKWSPEKGYMDGWKNQAGGTPFMVTEFYTKGEDTKLD
NSSGAGFVVRDQQNRGFAYQHFTLGLLEAKNCVGWVFFKYLDDEDCNKGMLDYNYKPYTSLTKYMSDINWNVYNLIDYFD
K
;
_entity_poly.pdbx_strand_id   A,B
#
loop_
_chem_comp.id
_chem_comp.type
_chem_comp.name
_chem_comp.formula
EDO non-polymer 1,2-ETHANEDIOL 'C2 H6 O2'
#
# COMPACT_ATOMS: atom_id res chain seq x y z
N LEU A 24 0.52 -18.39 -32.71
CA LEU A 24 0.37 -19.33 -31.55
C LEU A 24 1.52 -20.34 -31.55
N PRO A 25 1.92 -20.77 -30.36
CA PRO A 25 2.90 -21.85 -30.34
C PRO A 25 2.35 -23.15 -30.85
N VAL A 26 3.21 -23.98 -31.39
CA VAL A 26 2.84 -25.29 -31.82
C VAL A 26 2.57 -26.15 -30.61
N PRO A 27 1.46 -26.84 -30.61
CA PRO A 27 1.17 -27.65 -29.43
C PRO A 27 1.56 -29.08 -29.55
N GLY A 28 1.55 -29.76 -28.44
CA GLY A 28 1.86 -31.17 -28.41
C GLY A 28 0.66 -32.06 -28.69
N PRO A 29 0.91 -33.36 -28.64
CA PRO A 29 -0.19 -34.29 -28.90
C PRO A 29 -1.37 -34.18 -27.96
N ALA A 30 -2.54 -34.44 -28.51
CA ALA A 30 -3.72 -34.41 -27.71
C ALA A 30 -3.63 -35.31 -26.51
N GLU A 31 -4.10 -34.78 -25.35
CA GLU A 31 -4.18 -35.53 -24.12
C GLU A 31 -5.45 -35.08 -23.35
N THR A 32 -5.88 -35.88 -22.40
CA THR A 32 -7.06 -35.58 -21.61
C THR A 32 -6.68 -34.57 -20.51
N TYR A 33 -7.44 -33.49 -20.46
CA TYR A 33 -7.15 -32.48 -19.41
C TYR A 33 -7.47 -33.13 -18.02
N PRO A 34 -6.66 -32.86 -16.99
CA PRO A 34 -6.91 -33.53 -15.69
C PRO A 34 -8.33 -33.27 -15.17
N ASN A 35 -8.99 -34.35 -14.74
CA ASN A 35 -10.30 -34.25 -14.14
C ASN A 35 -11.41 -33.82 -15.09
N SER A 36 -11.17 -34.00 -16.38
CA SER A 36 -12.08 -33.69 -17.45
C SER A 36 -12.21 -34.90 -18.38
N THR A 37 -13.30 -34.90 -19.11
CA THR A 37 -13.47 -35.83 -20.21
C THR A 37 -12.98 -35.25 -21.52
N LYS A 38 -12.60 -33.96 -21.54
CA LYS A 38 -12.18 -33.33 -22.79
C LYS A 38 -10.67 -33.33 -22.99
N GLN A 39 -10.29 -33.53 -24.24
CA GLN A 39 -8.94 -33.49 -24.64
C GLN A 39 -8.49 -32.10 -25.09
N TYR A 40 -7.17 -31.89 -25.05
CA TYR A 40 -6.58 -30.65 -25.54
C TYR A 40 -5.22 -30.92 -26.06
N GLN A 41 -4.72 -30.01 -26.88
CA GLN A 41 -3.32 -30.06 -27.29
C GLN A 41 -2.52 -29.03 -26.50
N PRO A 42 -1.63 -29.48 -25.63
CA PRO A 42 -1.01 -28.55 -24.68
C PRO A 42 0.06 -27.68 -25.31
N ILE A 43 0.15 -26.46 -24.79
CA ILE A 43 1.33 -25.60 -24.96
C ILE A 43 2.07 -25.43 -23.67
N ILE A 44 3.26 -24.85 -23.77
CA ILE A 44 4.05 -24.48 -22.63
C ILE A 44 3.97 -22.94 -22.44
N VAL A 45 3.66 -22.54 -21.20
CA VAL A 45 3.74 -21.14 -20.81
C VAL A 45 4.69 -21.07 -19.62
N GLU A 46 5.67 -20.20 -19.72
CA GLU A 46 6.58 -19.99 -18.62
C GLU A 46 5.97 -19.04 -17.57
N TYR A 47 6.14 -19.36 -16.28
CA TYR A 47 5.77 -18.44 -15.25
C TYR A 47 6.70 -18.46 -14.06
N ALA A 48 6.74 -17.33 -13.35
CA ALA A 48 7.52 -17.19 -12.13
C ALA A 48 6.60 -16.76 -11.02
N GLU A 49 6.89 -17.13 -9.76
CA GLU A 49 6.03 -16.77 -8.68
C GLU A 49 6.21 -15.33 -8.26
N LYS A 50 7.39 -14.77 -8.51
CA LYS A 50 7.76 -13.40 -8.29
C LYS A 50 8.75 -13.03 -9.41
N PRO A 51 8.88 -11.70 -9.70
CA PRO A 51 9.61 -11.34 -10.93
C PRO A 51 11.09 -11.69 -10.89
N ASP A 52 11.66 -11.82 -9.68
CA ASP A 52 13.07 -12.08 -9.53
C ASP A 52 13.40 -13.54 -9.39
N LYS A 53 12.38 -14.41 -9.49
CA LYS A 53 12.54 -15.85 -9.36
C LYS A 53 12.75 -16.51 -10.71
N ALA A 54 13.17 -17.78 -10.67
CA ALA A 54 13.27 -18.58 -11.88
C ALA A 54 11.89 -18.91 -12.42
N PHE A 55 11.76 -18.91 -13.72
CA PHE A 55 10.56 -19.30 -14.43
C PHE A 55 10.54 -20.80 -14.63
N ILE A 56 9.34 -21.37 -14.50
CA ILE A 56 9.11 -22.74 -14.80
C ILE A 56 8.27 -22.89 -16.02
N GLU A 57 8.26 -24.09 -16.62
CA GLU A 57 7.43 -24.39 -17.77
C GLU A 57 6.18 -25.10 -17.35
N ALA A 58 5.02 -24.54 -17.67
CA ALA A 58 3.73 -25.01 -17.30
C ALA A 58 2.89 -25.45 -18.51
N LYS A 59 2.42 -26.68 -18.45
CA LYS A 59 1.46 -27.14 -19.45
C LYS A 59 0.21 -26.32 -19.36
N THR A 60 -0.27 -25.83 -20.47
CA THR A 60 -1.39 -24.88 -20.49
C THR A 60 -2.37 -25.24 -21.60
N ARG A 61 -3.64 -25.01 -21.30
CA ARG A 61 -4.77 -25.25 -22.18
C ARG A 61 -5.26 -23.91 -22.67
N ILE A 62 -5.24 -23.70 -24.00
CA ILE A 62 -5.79 -22.50 -24.56
C ILE A 62 -6.94 -22.82 -25.54
N LEU A 63 -7.78 -21.83 -25.80
CA LEU A 63 -9.02 -22.03 -26.53
C LEU A 63 -8.84 -22.63 -27.94
N PRO A 64 -7.84 -22.18 -28.70
CA PRO A 64 -7.65 -22.76 -30.04
C PRO A 64 -7.34 -24.24 -30.07
N TYR A 65 -6.92 -24.81 -28.94
CA TYR A 65 -6.40 -26.16 -28.90
C TYR A 65 -7.26 -27.11 -28.08
N LEU A 66 -8.49 -26.70 -27.83
CA LEU A 66 -9.49 -27.62 -27.27
C LEU A 66 -10.00 -28.57 -28.30
N VAL A 67 -9.87 -29.86 -28.03
CA VAL A 67 -10.30 -30.86 -29.03
C VAL A 67 -11.84 -30.94 -29.04
N GLY A 68 -12.44 -30.78 -30.20
CA GLY A 68 -13.87 -30.91 -30.33
C GLY A 68 -14.60 -29.60 -30.18
N TYR A 69 -13.88 -28.48 -30.02
CA TYR A 69 -14.51 -27.17 -29.92
C TYR A 69 -13.84 -26.28 -30.92
N GLU A 70 -14.62 -25.51 -31.67
CA GLU A 70 -14.09 -24.44 -32.53
C GLU A 70 -14.80 -23.14 -32.13
N GLN A 71 -14.05 -22.06 -32.05
CA GLN A 71 -14.61 -20.80 -31.56
C GLN A 71 -15.84 -20.42 -32.39
N GLN A 72 -16.97 -20.25 -31.68
N GLN A 72 -16.96 -20.24 -31.68
N GLN A 72 -16.94 -20.20 -31.68
CA GLN A 72 -18.31 -20.05 -32.28
CA GLN A 72 -18.24 -20.01 -32.33
CA GLN A 72 -18.22 -20.01 -32.32
C GLN A 72 -18.63 -18.57 -32.57
C GLN A 72 -18.43 -18.53 -32.63
C GLN A 72 -18.52 -18.55 -32.61
N THR A 73 -18.38 -17.68 -31.60
CA THR A 73 -18.59 -16.28 -31.73
C THR A 73 -17.22 -15.68 -31.99
N LYS A 74 -17.10 -14.98 -33.13
CA LYS A 74 -15.80 -14.60 -33.69
C LYS A 74 -15.56 -13.09 -33.79
N THR A 75 -16.60 -12.28 -33.57
CA THR A 75 -16.47 -10.82 -33.66
C THR A 75 -17.25 -10.18 -32.51
N GLN A 76 -16.90 -8.93 -32.25
CA GLN A 76 -17.62 -8.17 -31.27
C GLN A 76 -19.11 -7.98 -31.62
N ASP A 77 -19.42 -7.79 -32.91
CA ASP A 77 -20.82 -7.63 -33.30
C ASP A 77 -21.61 -8.91 -33.12
N GLU A 78 -21.03 -10.05 -33.50
CA GLU A 78 -21.67 -11.32 -33.25
C GLU A 78 -21.96 -11.47 -31.77
N TYR A 79 -20.98 -11.16 -30.96
CA TYR A 79 -21.20 -11.28 -29.51
C TYR A 79 -22.32 -10.40 -29.00
N LEU A 80 -22.23 -9.11 -29.37
CA LEU A 80 -23.22 -8.17 -28.83
C LEU A 80 -24.64 -8.47 -29.30
N GLN A 81 -24.80 -9.10 -30.45
CA GLN A 81 -26.10 -9.54 -30.89
C GLN A 81 -26.66 -10.74 -30.16
N SER A 82 -25.80 -11.45 -29.40
CA SER A 82 -26.20 -12.70 -28.71
C SER A 82 -26.57 -12.53 -27.27
N VAL A 83 -26.28 -11.35 -26.73
CA VAL A 83 -26.52 -11.04 -25.35
C VAL A 83 -27.42 -9.84 -25.17
N ASN A 84 -28.08 -9.78 -24.03
CA ASN A 84 -28.86 -8.61 -23.71
C ASN A 84 -28.07 -7.50 -23.02
N LYS A 85 -28.74 -6.44 -22.55
CA LYS A 85 -28.04 -5.29 -22.01
C LYS A 85 -27.16 -5.59 -20.76
N TYR A 86 -27.51 -6.71 -20.10
CA TYR A 86 -26.76 -7.15 -18.93
C TYR A 86 -25.56 -8.03 -19.27
N GLY A 87 -25.45 -8.46 -20.54
CA GLY A 87 -24.50 -9.45 -20.91
C GLY A 87 -24.94 -10.89 -20.75
N SER A 88 -26.25 -11.07 -20.56
CA SER A 88 -26.82 -12.39 -20.40
C SER A 88 -27.14 -13.00 -21.74
N TYR A 89 -27.00 -14.30 -21.88
CA TYR A 89 -27.31 -14.93 -23.13
C TYR A 89 -28.80 -14.78 -23.43
N ALA A 90 -29.10 -14.31 -24.65
CA ALA A 90 -30.46 -13.92 -24.95
C ALA A 90 -31.20 -14.91 -25.86
N LYS A 91 -30.50 -15.93 -26.34
CA LYS A 91 -30.99 -16.74 -27.44
C LYS A 91 -31.23 -18.21 -27.16
N GLY A 92 -31.24 -18.54 -25.87
CA GLY A 92 -31.34 -19.93 -25.39
C GLY A 92 -32.37 -20.05 -24.28
N GLN A 93 -31.97 -20.67 -23.20
CA GLN A 93 -32.81 -20.85 -22.01
C GLN A 93 -32.87 -19.59 -21.24
N LYS A 94 -34.03 -19.35 -20.66
CA LYS A 94 -34.18 -18.33 -19.63
C LYS A 94 -35.01 -18.91 -18.50
N PHE A 95 -35.05 -18.18 -17.41
CA PHE A 95 -35.69 -18.59 -16.18
C PHE A 95 -36.72 -17.56 -15.78
N LYS A 96 -37.38 -17.79 -14.66
CA LYS A 96 -38.33 -16.80 -14.15
C LYS A 96 -37.67 -15.46 -13.85
N ALA A 97 -38.32 -14.40 -14.25
CA ALA A 97 -37.88 -13.02 -13.94
C ALA A 97 -38.48 -12.57 -12.67
N THR A 98 -37.67 -11.96 -11.80
CA THR A 98 -38.17 -11.30 -10.60
C THR A 98 -37.92 -9.82 -10.53
N GLY A 99 -37.24 -9.30 -11.56
CA GLY A 99 -36.86 -7.91 -11.58
C GLY A 99 -35.55 -7.60 -10.87
N ARG A 100 -34.90 -8.66 -10.35
CA ARG A 100 -33.66 -8.51 -9.61
C ARG A 100 -32.72 -9.65 -9.98
N PHE A 101 -31.43 -9.39 -9.89
CA PHE A 101 -30.45 -10.47 -9.96
C PHE A 101 -30.77 -11.51 -8.90
N ARG A 102 -30.62 -12.75 -9.28
CA ARG A 102 -30.87 -13.87 -8.34
C ARG A 102 -30.09 -15.09 -8.79
N VAL A 103 -30.15 -16.19 -8.01
CA VAL A 103 -29.42 -17.38 -8.28
C VAL A 103 -30.36 -18.49 -8.66
N GLU A 104 -30.03 -19.23 -9.72
CA GLU A 104 -30.78 -20.40 -10.18
C GLU A 104 -29.86 -21.64 -10.36
N LYS A 105 -30.46 -22.81 -10.64
CA LYS A 105 -29.71 -24.04 -10.99
C LYS A 105 -30.50 -24.77 -12.07
N ASN A 106 -29.80 -25.18 -13.12
CA ASN A 106 -30.46 -25.86 -14.26
C ASN A 106 -30.52 -27.35 -13.98
N SER A 107 -31.14 -28.09 -14.91
CA SER A 107 -31.40 -29.51 -14.66
C SER A 107 -30.23 -30.41 -14.71
N ASN A 108 -29.14 -29.92 -15.24
CA ASN A 108 -27.91 -30.67 -15.22
C ASN A 108 -26.97 -30.25 -14.11
N GLY A 109 -27.48 -29.49 -13.14
CA GLY A 109 -26.75 -29.31 -11.92
C GLY A 109 -25.83 -28.08 -12.12
N ARG A 110 -26.06 -27.23 -13.12
CA ARG A 110 -25.27 -25.99 -13.24
C ARG A 110 -25.98 -24.82 -12.66
N SER A 111 -25.26 -24.07 -11.84
CA SER A 111 -25.78 -22.86 -11.27
C SER A 111 -25.59 -21.67 -12.24
N TRP A 112 -26.52 -20.71 -12.14
CA TRP A 112 -26.44 -19.47 -12.87
C TRP A 112 -26.87 -18.32 -12.03
N ILE A 113 -26.16 -17.20 -12.15
CA ILE A 113 -26.81 -15.93 -11.85
C ILE A 113 -27.83 -15.64 -12.98
N VAL A 114 -29.03 -15.18 -12.56
CA VAL A 114 -30.10 -14.82 -13.50
C VAL A 114 -30.33 -13.33 -13.33
N ASP A 115 -30.47 -12.64 -14.47
CA ASP A 115 -30.66 -11.22 -14.48
C ASP A 115 -32.10 -10.81 -14.18
N PRO A 116 -32.36 -9.53 -14.03
CA PRO A 116 -33.73 -9.11 -13.66
C PRO A 116 -34.86 -9.63 -14.59
N GLU A 117 -34.51 -9.91 -15.84
CA GLU A 117 -35.48 -10.41 -16.84
C GLU A 117 -35.48 -11.94 -16.96
N GLY A 118 -34.69 -12.61 -16.13
CA GLY A 118 -34.67 -14.03 -16.14
C GLY A 118 -33.61 -14.71 -17.02
N TYR A 119 -32.76 -13.91 -17.68
CA TYR A 119 -31.77 -14.48 -18.55
C TYR A 119 -30.49 -14.83 -17.78
N PRO A 120 -29.85 -15.91 -18.19
CA PRO A 120 -28.63 -16.35 -17.47
C PRO A 120 -27.45 -15.38 -17.76
N TYR A 121 -26.88 -14.84 -16.69
CA TYR A 121 -25.75 -13.95 -16.78
C TYR A 121 -24.54 -14.66 -16.23
N TYR A 122 -23.62 -15.06 -17.08
CA TYR A 122 -22.36 -15.64 -16.65
C TYR A 122 -21.48 -14.48 -16.23
N VAL A 123 -21.06 -14.44 -14.96
CA VAL A 123 -20.40 -13.25 -14.46
C VAL A 123 -19.02 -13.12 -15.10
N ARG A 124 -18.75 -11.96 -15.74
CA ARG A 124 -17.43 -11.58 -16.25
C ARG A 124 -17.21 -10.15 -15.83
N GLY A 125 -16.46 -10.00 -14.72
CA GLY A 125 -16.26 -8.73 -14.11
C GLY A 125 -14.82 -8.24 -14.11
N ILE A 126 -14.71 -6.96 -13.76
CA ILE A 126 -13.44 -6.29 -13.60
C ILE A 126 -13.39 -5.66 -12.21
N ALA A 127 -12.33 -5.92 -11.47
CA ALA A 127 -12.18 -5.37 -10.12
C ALA A 127 -11.60 -3.94 -10.14
N SER A 128 -11.86 -3.20 -9.08
CA SER A 128 -11.19 -1.91 -8.86
C SER A 128 -11.42 -0.92 -9.97
N PHE A 129 -12.65 -0.78 -10.40
CA PHE A 129 -12.99 0.17 -11.44
C PHE A 129 -13.12 1.56 -10.75
N ARG A 130 -12.03 2.33 -10.90
N ARG A 130 -12.04 2.32 -10.90
CA ARG A 130 -11.84 3.61 -10.25
CA ARG A 130 -11.94 3.65 -10.33
C ARG A 130 -10.87 4.40 -11.10
C ARG A 130 -10.86 4.41 -11.09
N MET A 131 -10.89 5.72 -10.92
CA MET A 131 -10.02 6.62 -11.68
C MET A 131 -8.69 6.78 -11.03
N ASP A 132 -7.93 5.69 -10.98
N ASP A 132 -7.91 5.70 -11.05
CA ASP A 132 -6.65 5.67 -10.22
CA ASP A 132 -6.68 5.58 -10.21
C ASP A 132 -5.44 5.41 -11.10
C ASP A 132 -5.40 5.66 -11.02
N GLY A 133 -5.53 5.98 -12.32
CA GLY A 133 -4.40 6.05 -13.20
C GLY A 133 -3.83 7.44 -13.31
N ASN A 134 -2.98 7.63 -14.30
CA ASN A 134 -2.32 8.94 -14.51
C ASN A 134 -3.41 10.00 -14.84
N SER A 135 -3.45 11.05 -14.07
CA SER A 135 -4.51 12.05 -14.21
C SER A 135 -4.40 12.84 -15.55
N SER A 136 -3.18 13.05 -16.06
N SER A 136 -3.17 13.05 -16.05
CA SER A 136 -3.06 13.74 -17.34
CA SER A 136 -3.06 13.74 -17.32
C SER A 136 -3.62 12.83 -18.44
C SER A 136 -3.61 12.84 -18.44
N ALA A 137 -3.30 11.56 -18.40
CA ALA A 137 -3.85 10.63 -19.35
C ALA A 137 -5.38 10.63 -19.24
N PHE A 138 -5.92 10.56 -18.02
CA PHE A 138 -7.37 10.58 -17.87
C PHE A 138 -7.97 11.76 -18.61
N GLY A 139 -7.43 12.95 -18.41
CA GLY A 139 -8.03 14.13 -18.99
C GLY A 139 -8.05 14.15 -20.48
N LYS A 140 -7.08 13.53 -21.09
CA LYS A 140 -6.99 13.45 -22.56
C LYS A 140 -7.96 12.41 -23.12
N LEU A 141 -8.29 11.40 -22.33
CA LEU A 141 -9.11 10.30 -22.82
C LEU A 141 -10.58 10.36 -22.42
N TYR A 142 -10.88 11.11 -21.38
CA TYR A 142 -12.23 11.16 -20.82
C TYR A 142 -12.53 12.58 -20.42
N SER A 143 -13.71 13.07 -20.81
CA SER A 143 -14.04 14.46 -20.62
C SER A 143 -14.76 14.75 -19.32
N SER A 144 -15.17 13.70 -18.62
CA SER A 144 -15.97 13.80 -17.40
C SER A 144 -16.01 12.42 -16.76
N VAL A 145 -16.48 12.37 -15.50
CA VAL A 145 -16.74 11.06 -14.87
C VAL A 145 -17.75 10.26 -15.64
N ASP A 146 -18.85 10.91 -16.04
CA ASP A 146 -19.84 10.21 -16.86
C ASP A 146 -19.25 9.62 -18.15
N ASP A 147 -18.43 10.44 -18.82
CA ASP A 147 -17.79 9.96 -20.04
C ASP A 147 -16.93 8.73 -19.78
N TRP A 148 -16.22 8.76 -18.66
CA TRP A 148 -15.42 7.63 -18.25
C TRP A 148 -16.27 6.35 -18.06
N VAL A 149 -17.38 6.47 -17.36
CA VAL A 149 -18.23 5.30 -17.16
C VAL A 149 -18.80 4.83 -18.49
N ALA A 150 -19.28 5.78 -19.29
CA ALA A 150 -19.92 5.40 -20.56
C ALA A 150 -18.95 4.71 -21.50
N LYS A 151 -17.78 5.33 -21.67
CA LYS A 151 -16.81 4.72 -22.52
C LYS A 151 -16.35 3.38 -22.02
N SER A 152 -16.23 3.31 -20.71
CA SER A 152 -15.83 2.02 -20.14
C SER A 152 -16.85 0.92 -20.29
N GLN A 153 -18.13 1.26 -20.09
CA GLN A 153 -19.17 0.24 -20.28
C GLN A 153 -19.11 -0.30 -21.68
N LYS A 154 -18.89 0.54 -22.68
CA LYS A 154 -18.82 0.09 -24.05
C LYS A 154 -17.55 -0.75 -24.31
N GLN A 155 -16.44 -0.22 -23.85
CA GLN A 155 -15.13 -0.88 -23.99
C GLN A 155 -15.19 -2.31 -23.38
N PHE A 156 -15.74 -2.38 -22.18
CA PHE A 156 -15.80 -3.63 -21.50
C PHE A 156 -16.77 -4.58 -22.20
N SER A 157 -17.98 -4.10 -22.58
CA SER A 157 -18.89 -4.98 -23.26
C SER A 157 -18.36 -5.61 -24.53
N GLU A 158 -17.57 -4.85 -25.23
CA GLU A 158 -16.97 -5.36 -26.47
C GLU A 158 -16.01 -6.52 -26.25
N ILE A 159 -15.44 -6.60 -25.03
CA ILE A 159 -14.50 -7.64 -24.62
C ILE A 159 -15.29 -8.71 -23.80
N GLY A 160 -16.60 -8.56 -23.67
CA GLY A 160 -17.43 -9.52 -22.92
C GLY A 160 -17.34 -9.43 -21.41
N PHE A 161 -16.98 -8.25 -20.90
CA PHE A 161 -17.11 -7.95 -19.47
C PHE A 161 -18.31 -7.03 -19.28
N HIS A 162 -19.05 -7.29 -18.19
CA HIS A 162 -20.32 -6.57 -17.95
C HIS A 162 -20.53 -6.04 -16.58
N SER A 163 -19.61 -6.40 -15.66
CA SER A 163 -19.73 -5.99 -14.28
C SER A 163 -18.43 -5.42 -13.74
N VAL A 164 -18.57 -4.58 -12.72
CA VAL A 164 -17.43 -4.12 -11.98
C VAL A 164 -17.65 -4.56 -10.54
N CYS A 165 -16.65 -5.17 -9.92
CA CYS A 165 -16.80 -5.86 -8.66
C CYS A 165 -15.68 -5.52 -7.74
N ALA A 166 -16.01 -4.81 -6.67
CA ALA A 166 -15.18 -4.48 -5.54
C ALA A 166 -14.23 -3.34 -5.73
N PHE A 167 -13.93 -2.68 -4.65
CA PHE A 167 -12.84 -1.73 -4.59
C PHE A 167 -13.00 -0.47 -5.42
N GLY A 168 -14.21 -0.13 -5.76
CA GLY A 168 -14.49 1.13 -6.42
C GLY A 168 -14.27 2.35 -5.57
N LYS A 169 -14.34 2.17 -4.26
N LYS A 169 -14.36 2.17 -4.26
CA LYS A 169 -14.36 3.28 -3.27
CA LYS A 169 -14.34 3.26 -3.27
C LYS A 169 -15.59 4.16 -3.49
C LYS A 169 -15.57 4.17 -3.51
N GLU A 170 -15.68 5.23 -2.72
CA GLU A 170 -16.86 6.07 -2.80
C GLU A 170 -17.05 6.66 -4.19
N GLU A 171 -15.97 7.20 -4.76
CA GLU A 171 -16.11 7.90 -6.00
C GLU A 171 -16.46 6.95 -7.18
N GLY A 172 -15.82 5.79 -7.22
CA GLY A 172 -16.06 4.82 -8.28
C GLY A 172 -17.46 4.26 -8.13
N ASP A 173 -17.84 3.86 -6.91
CA ASP A 173 -19.18 3.32 -6.71
C ASP A 173 -20.25 4.33 -7.10
N LYS A 174 -20.10 5.61 -6.70
CA LYS A 174 -21.12 6.63 -7.04
C LYS A 174 -21.13 6.88 -8.57
N ALA A 175 -19.96 6.92 -9.18
CA ALA A 175 -19.89 7.17 -10.63
C ALA A 175 -20.71 6.17 -11.39
N VAL A 176 -20.52 4.89 -11.09
CA VAL A 176 -21.22 3.84 -11.77
C VAL A 176 -22.73 3.86 -11.39
N ASN A 177 -23.01 4.11 -10.11
CA ASN A 177 -24.37 4.15 -9.65
C ASN A 177 -25.16 5.24 -10.35
N ASP A 178 -24.56 6.41 -10.46
CA ASP A 178 -25.19 7.56 -11.14
C ASP A 178 -25.41 7.21 -12.62
N TYR A 179 -24.40 6.65 -13.27
CA TYR A 179 -24.50 6.28 -14.67
C TYR A 179 -25.63 5.29 -14.93
N ASN A 180 -25.71 4.26 -14.11
CA ASN A 180 -26.71 3.24 -14.33
C ASN A 180 -28.12 3.71 -14.16
N LYS A 181 -28.32 4.74 -13.36
CA LYS A 181 -29.66 5.28 -13.17
C LYS A 181 -30.22 5.88 -14.44
N SER A 182 -29.37 6.50 -15.27
CA SER A 182 -29.92 7.09 -16.51
C SER A 182 -29.65 6.36 -17.79
N ALA A 183 -28.71 5.41 -17.74
CA ALA A 183 -28.24 4.75 -18.96
C ALA A 183 -29.21 3.65 -19.34
N SER A 184 -29.27 3.36 -20.62
CA SER A 184 -30.01 2.21 -21.05
C SER A 184 -29.18 0.93 -21.05
N SER A 185 -27.84 1.05 -21.01
CA SER A 185 -26.98 -0.09 -20.93
C SER A 185 -26.09 -0.01 -19.63
N PRO A 186 -26.43 -0.84 -18.64
CA PRO A 186 -25.75 -0.70 -17.36
C PRO A 186 -24.38 -1.34 -17.36
N LEU A 187 -23.58 -0.87 -16.41
CA LEU A 187 -22.37 -1.55 -16.00
C LEU A 187 -22.67 -2.04 -14.58
N THR A 188 -23.05 -3.32 -14.47
CA THR A 188 -23.58 -3.76 -13.20
C THR A 188 -22.47 -3.75 -12.14
N GLN A 189 -22.85 -3.44 -10.90
CA GLN A 189 -21.84 -3.24 -9.85
C GLN A 189 -22.04 -4.15 -8.67
N ALA A 190 -20.94 -4.51 -8.06
CA ALA A 190 -20.94 -5.29 -6.83
C ALA A 190 -20.00 -4.62 -5.82
N PRO A 191 -20.50 -3.71 -4.98
CA PRO A 191 -19.65 -3.01 -4.04
C PRO A 191 -19.10 -3.88 -2.98
N SER A 192 -17.94 -3.50 -2.47
CA SER A 192 -17.30 -4.15 -1.31
C SER A 192 -17.37 -3.26 -0.10
N PHE A 193 -17.57 -3.89 1.04
CA PHE A 193 -17.66 -3.28 2.35
C PHE A 193 -16.61 -3.91 3.26
N SER A 194 -16.50 -3.34 4.46
N SER A 194 -16.52 -3.35 4.46
CA SER A 194 -15.58 -3.76 5.52
CA SER A 194 -15.60 -3.75 5.50
C SER A 194 -16.37 -3.91 6.83
C SER A 194 -16.38 -3.90 6.83
N PHE A 195 -17.21 -4.95 6.91
CA PHE A 195 -18.14 -5.04 8.03
C PHE A 195 -17.43 -5.13 9.39
N LEU A 196 -16.39 -5.96 9.50
CA LEU A 196 -15.79 -6.15 10.80
C LEU A 196 -15.18 -4.84 11.34
N ALA A 197 -14.47 -4.13 10.46
CA ALA A 197 -13.89 -2.83 10.82
C ALA A 197 -14.95 -1.85 11.17
N GLU A 198 -16.06 -1.80 10.40
CA GLU A 198 -17.10 -0.84 10.70
C GLU A 198 -17.76 -1.15 12.05
N PHE A 199 -17.96 -2.43 12.36
CA PHE A 199 -18.51 -2.80 13.66
C PHE A 199 -17.59 -2.31 14.79
N LYS A 200 -16.31 -2.59 14.64
N LYS A 200 -16.30 -2.59 14.63
CA LYS A 200 -15.29 -2.16 15.62
CA LYS A 200 -15.27 -2.17 15.62
C LYS A 200 -15.39 -0.66 15.84
C LYS A 200 -15.37 -0.67 15.84
N ASN A 201 -15.44 0.07 14.74
CA ASN A 201 -15.53 1.55 14.82
C ASN A 201 -16.83 2.04 15.46
N SER A 202 -17.93 1.37 15.10
CA SER A 202 -19.25 1.71 15.68
C SER A 202 -19.27 1.49 17.21
N LYS A 203 -18.61 0.44 17.66
CA LYS A 203 -18.64 0.10 19.07
C LYS A 203 -17.58 0.81 19.90
N GLY A 204 -16.64 1.44 19.24
CA GLY A 204 -15.51 2.11 19.93
C GLY A 204 -14.56 1.22 20.67
N ILE A 205 -14.25 0.08 20.06
CA ILE A 205 -13.43 -0.93 20.65
C ILE A 205 -12.19 -1.18 19.80
N SER A 206 -11.29 -2.00 20.38
N SER A 206 -11.28 -1.99 20.30
CA SER A 206 -10.10 -2.42 19.66
CA SER A 206 -10.12 -2.34 19.54
C SER A 206 -10.35 -3.78 19.05
C SER A 206 -10.37 -3.73 19.00
N TYR A 207 -9.51 -4.12 18.06
CA TYR A 207 -9.50 -5.50 17.57
C TYR A 207 -9.08 -6.47 18.70
N PRO A 208 -9.59 -7.69 18.68
CA PRO A 208 -9.15 -8.67 19.68
C PRO A 208 -7.65 -8.84 19.74
N GLY A 209 -7.10 -8.83 20.96
CA GLY A 209 -5.65 -8.90 21.14
C GLY A 209 -4.86 -7.77 20.53
N GLN A 210 -5.55 -6.66 20.28
CA GLN A 210 -4.97 -5.53 19.53
C GLN A 210 -4.43 -5.93 18.17
N ASN A 211 -5.01 -7.00 17.60
CA ASN A 211 -4.50 -7.60 16.43
C ASN A 211 -5.57 -7.64 15.33
N VAL A 212 -5.41 -6.82 14.29
CA VAL A 212 -6.32 -6.83 13.16
C VAL A 212 -6.53 -8.19 12.55
N ASN A 213 -5.53 -9.05 12.61
CA ASN A 213 -5.65 -10.40 12.04
C ASN A 213 -6.60 -11.28 12.80
N LEU A 214 -6.98 -10.87 14.01
CA LEU A 214 -7.98 -11.55 14.81
C LEU A 214 -9.37 -10.93 14.72
N LYS A 215 -9.59 -10.06 13.74
CA LYS A 215 -10.84 -9.34 13.68
C LYS A 215 -12.09 -10.20 13.53
N ILE A 216 -11.95 -11.40 12.97
CA ILE A 216 -13.10 -12.25 12.91
C ILE A 216 -13.66 -12.57 14.32
N GLY A 217 -12.84 -12.48 15.35
CA GLY A 217 -13.33 -12.69 16.68
C GLY A 217 -14.36 -11.70 17.17
N LEU A 218 -14.52 -10.59 16.44
CA LEU A 218 -15.56 -9.63 16.76
C LEU A 218 -16.99 -10.19 16.65
N VAL A 219 -17.13 -11.32 15.94
CA VAL A 219 -18.47 -11.91 15.83
C VAL A 219 -18.97 -12.45 17.18
N PHE A 220 -18.10 -12.58 18.15
CA PHE A 220 -18.51 -13.00 19.49
C PHE A 220 -18.81 -11.87 20.41
N TYR A 221 -18.60 -10.63 19.94
CA TYR A 221 -18.82 -9.47 20.80
C TYR A 221 -20.30 -9.12 20.87
N ASP A 222 -20.66 -8.50 22.00
CA ASP A 222 -22.05 -8.10 22.16
C ASP A 222 -22.46 -7.17 21.00
N GLY A 223 -23.63 -7.46 20.42
CA GLY A 223 -24.24 -6.56 19.48
C GLY A 223 -23.92 -6.80 18.00
N TRP A 224 -23.15 -7.85 17.71
CA TRP A 224 -22.74 -8.13 16.31
C TRP A 224 -23.99 -8.32 15.41
N ASP A 225 -24.89 -9.24 15.83
CA ASP A 225 -26.01 -9.54 14.95
C ASP A 225 -26.90 -8.30 14.73
N GLU A 226 -27.16 -7.57 15.81
CA GLU A 226 -27.96 -6.40 15.70
C GLU A 226 -27.33 -5.27 14.88
N TRP A 227 -26.03 -5.12 15.05
CA TRP A 227 -25.30 -4.11 14.34
C TRP A 227 -25.39 -4.41 12.81
N CYS A 228 -25.25 -5.68 12.43
CA CYS A 228 -25.38 -5.98 11.01
C CYS A 228 -26.73 -5.53 10.46
N LYS A 229 -27.81 -5.83 11.21
CA LYS A 229 -29.15 -5.40 10.78
C LYS A 229 -29.21 -3.87 10.55
N GLU A 230 -28.69 -3.12 11.50
CA GLU A 230 -28.67 -1.67 11.42
C GLU A 230 -27.86 -1.20 10.23
N TYR A 231 -26.70 -1.85 10.01
CA TYR A 231 -25.81 -1.40 8.94
C TYR A 231 -26.48 -1.62 7.60
N LEU A 232 -27.14 -2.74 7.39
CA LEU A 232 -27.87 -2.97 6.14
C LEU A 232 -28.94 -1.95 5.83
N ASN A 233 -29.53 -1.44 6.91
CA ASN A 233 -30.56 -0.40 6.78
C ASN A 233 -30.07 1.05 6.80
N SER A 234 -28.74 1.21 6.85
CA SER A 234 -28.15 2.51 6.96
C SER A 234 -27.89 3.12 5.61
N ASP A 235 -27.36 4.35 5.64
CA ASP A 235 -27.01 5.09 4.45
C ASP A 235 -25.87 4.41 3.68
N ALA A 236 -25.14 3.51 4.32
CA ALA A 236 -24.05 2.79 3.58
C ALA A 236 -24.59 1.95 2.42
N PHE A 237 -25.83 1.52 2.54
CA PHE A 237 -26.52 0.78 1.54
C PHE A 237 -27.56 1.59 0.73
N GLY A 238 -27.62 2.88 0.97
CA GLY A 238 -28.68 3.70 0.38
C GLY A 238 -28.74 3.69 -1.12
N MET A 239 -27.58 3.74 -1.76
CA MET A 239 -27.61 3.75 -3.23
C MET A 239 -27.73 2.35 -3.87
N PHE A 240 -27.61 1.32 -3.04
CA PHE A 240 -27.56 -0.03 -3.51
C PHE A 240 -28.86 -0.80 -3.33
N ARG A 241 -29.58 -0.49 -2.27
N ARG A 241 -29.57 -0.49 -2.26
CA ARG A 241 -30.78 -1.26 -1.99
CA ARG A 241 -30.79 -1.23 -1.98
C ARG A 241 -31.84 -0.99 -3.07
C ARG A 241 -31.83 -0.99 -3.09
N ASN A 242 -32.57 -2.04 -3.43
CA ASN A 242 -33.66 -1.94 -4.41
C ASN A 242 -33.24 -1.37 -5.75
N ASN A 243 -31.99 -1.61 -6.11
CA ASN A 243 -31.40 -1.07 -7.31
C ASN A 243 -31.11 -2.25 -8.23
N PRO A 244 -31.79 -2.39 -9.37
CA PRO A 244 -31.67 -3.58 -10.19
C PRO A 244 -30.29 -3.76 -10.84
N ASP A 245 -29.49 -2.70 -10.90
CA ASP A 245 -28.16 -2.78 -11.54
C ASP A 245 -27.06 -3.16 -10.60
N VAL A 246 -27.41 -3.49 -9.39
CA VAL A 246 -26.47 -3.99 -8.39
C VAL A 246 -26.52 -5.51 -8.37
N LEU A 247 -25.39 -6.14 -8.75
CA LEU A 247 -25.29 -7.59 -8.79
C LEU A 247 -25.45 -8.16 -7.38
N GLY A 248 -24.81 -7.54 -6.39
CA GLY A 248 -24.81 -7.95 -5.01
C GLY A 248 -23.71 -7.23 -4.30
N PHE A 249 -23.36 -7.69 -3.08
CA PHE A 249 -22.28 -7.02 -2.33
C PHE A 249 -21.39 -8.03 -1.62
N PHE A 250 -20.17 -7.57 -1.36
CA PHE A 250 -19.22 -8.31 -0.55
C PHE A 250 -19.12 -7.61 0.80
N SER A 251 -19.06 -8.38 1.88
CA SER A 251 -19.06 -7.78 3.24
C SER A 251 -17.64 -7.48 3.80
N ASP A 252 -16.62 -8.09 3.19
CA ASP A 252 -15.25 -8.03 3.64
C ASP A 252 -14.42 -8.61 2.53
N ASN A 253 -13.09 -8.63 2.77
CA ASN A 253 -12.16 -9.13 1.79
C ASN A 253 -11.02 -9.87 2.49
N GLU A 254 -10.85 -11.18 2.19
CA GLU A 254 -9.69 -11.90 2.74
C GLU A 254 -9.59 -11.83 4.25
N ILE A 255 -10.68 -12.19 4.92
CA ILE A 255 -10.63 -12.32 6.36
C ILE A 255 -9.66 -13.44 6.75
N ASP A 256 -8.84 -13.16 7.76
CA ASP A 256 -7.96 -14.22 8.27
C ASP A 256 -8.78 -15.14 9.16
N PHE A 257 -8.90 -16.36 8.72
CA PHE A 257 -9.57 -17.43 9.50
C PHE A 257 -8.61 -18.52 9.78
N SER A 258 -7.33 -18.23 9.74
CA SER A 258 -6.10 -19.15 9.86
C SER A 258 -5.18 -18.84 8.69
N THR A 259 -3.91 -18.63 9.01
CA THR A 259 -2.96 -18.24 8.01
C THR A 259 -1.78 -19.17 8.06
N TRP A 260 -0.82 -19.00 7.14
CA TRP A 260 0.31 -19.87 7.10
C TRP A 260 1.05 -19.64 8.38
N GLY A 261 1.36 -20.67 9.09
CA GLY A 261 2.08 -20.39 10.35
C GLY A 261 1.29 -19.87 11.54
N ASN A 262 -0.02 -19.63 11.40
CA ASN A 262 -0.77 -19.25 12.56
C ASN A 262 -2.23 -19.67 12.52
N ARG A 263 -2.52 -20.70 13.27
CA ARG A 263 -3.89 -21.10 13.35
C ARG A 263 -4.73 -20.11 14.18
N LEU A 264 -5.97 -19.97 13.78
CA LEU A 264 -6.90 -19.06 14.42
C LEU A 264 -7.15 -19.41 15.87
N LEU A 265 -7.46 -20.67 16.10
CA LEU A 265 -7.85 -21.11 17.45
C LEU A 265 -6.67 -20.95 18.42
N ASP A 266 -5.46 -21.28 17.99
CA ASP A 266 -4.27 -21.06 18.82
C ASP A 266 -4.10 -19.59 19.22
N ARG A 267 -4.26 -18.70 18.23
N ARG A 267 -4.27 -18.70 18.25
CA ARG A 267 -4.10 -17.28 18.50
CA ARG A 267 -4.12 -17.28 18.53
C ARG A 267 -5.20 -16.75 19.45
C ARG A 267 -5.21 -16.76 19.48
N PHE A 268 -6.45 -17.23 19.33
CA PHE A 268 -7.48 -16.77 20.21
C PHE A 268 -7.16 -17.21 21.65
N LEU A 269 -6.68 -18.44 21.78
CA LEU A 269 -6.39 -18.95 23.14
C LEU A 269 -5.26 -18.22 23.81
N LYS A 270 -4.37 -17.65 22.98
CA LYS A 270 -3.23 -16.88 23.50
C LYS A 270 -3.47 -15.37 23.70
N ILE A 271 -4.70 -14.92 23.45
CA ILE A 271 -5.08 -13.52 23.70
C ILE A 271 -4.87 -13.26 25.19
N SER A 272 -4.15 -12.17 25.53
CA SER A 272 -3.76 -11.93 26.94
C SER A 272 -4.88 -11.61 27.85
N ASN A 273 -5.77 -10.74 27.37
CA ASN A 273 -6.91 -10.32 28.13
C ASN A 273 -7.95 -11.43 28.02
N LYS A 274 -8.07 -12.19 29.09
CA LYS A 274 -9.00 -13.34 29.12
C LYS A 274 -10.49 -12.91 29.25
N GLN A 275 -10.77 -11.62 29.40
CA GLN A 275 -12.11 -11.09 29.33
C GLN A 275 -12.55 -10.84 27.84
N ASP A 276 -11.61 -10.96 26.90
CA ASP A 276 -11.93 -10.76 25.48
C ASP A 276 -12.97 -11.81 25.05
N PRO A 277 -14.13 -11.39 24.49
CA PRO A 277 -15.09 -12.38 23.99
C PRO A 277 -14.50 -13.43 23.04
N ALA A 278 -13.50 -13.05 22.24
CA ALA A 278 -12.84 -14.01 21.34
C ALA A 278 -12.10 -15.09 22.11
N TYR A 279 -11.39 -14.71 23.18
CA TYR A 279 -10.77 -15.69 24.02
C TYR A 279 -11.85 -16.59 24.66
N ILE A 280 -12.86 -15.94 25.22
CA ILE A 280 -13.93 -16.67 25.91
C ILE A 280 -14.55 -17.77 25.01
N ALA A 281 -14.81 -17.37 23.76
CA ALA A 281 -15.41 -18.26 22.81
C ALA A 281 -14.50 -19.45 22.45
N ALA A 282 -13.21 -19.15 22.28
CA ALA A 282 -12.25 -20.19 21.99
C ALA A 282 -12.12 -21.17 23.14
N ALA A 283 -12.05 -20.63 24.37
CA ALA A 283 -11.92 -21.48 25.52
C ALA A 283 -13.18 -22.34 25.70
N LYS A 284 -14.33 -21.74 25.44
CA LYS A 284 -15.60 -22.47 25.51
C LYS A 284 -15.66 -23.63 24.49
N PHE A 285 -15.19 -23.37 23.28
CA PHE A 285 -15.19 -24.35 22.26
C PHE A 285 -14.35 -25.55 22.69
N MET A 286 -13.14 -25.29 23.20
CA MET A 286 -12.31 -26.34 23.71
C MET A 286 -12.98 -27.16 24.81
N THR A 287 -13.59 -26.47 25.76
CA THR A 287 -14.21 -27.16 26.88
C THR A 287 -15.43 -28.05 26.45
N ASP A 288 -16.11 -27.45 25.44
CA ASP A 288 -17.29 -28.13 24.85
C ASP A 288 -16.90 -29.41 24.14
N LYS A 289 -15.75 -29.41 23.50
CA LYS A 289 -15.24 -30.62 22.82
C LYS A 289 -14.55 -31.57 23.85
N ASP A 290 -14.83 -31.40 25.15
CA ASP A 290 -14.22 -32.19 26.24
C ASP A 290 -12.67 -32.13 26.18
N LYS A 291 -12.15 -30.95 25.83
CA LYS A 291 -10.72 -30.69 25.75
C LYS A 291 -10.32 -29.58 26.73
N SER A 292 -9.03 -29.48 27.02
CA SER A 292 -8.48 -28.41 27.88
C SER A 292 -8.40 -27.13 27.04
N ALA A 293 -8.69 -25.99 27.66
CA ALA A 293 -8.58 -24.67 26.99
C ALA A 293 -7.12 -24.20 26.89
N ASN A 294 -6.32 -25.01 26.22
CA ASN A 294 -4.92 -24.70 26.01
C ASN A 294 -4.47 -25.09 24.61
N VAL A 295 -3.45 -24.36 24.14
CA VAL A 295 -2.88 -24.54 22.83
C VAL A 295 -2.38 -25.95 22.60
N SER A 296 -1.96 -26.64 23.65
CA SER A 296 -1.48 -27.99 23.51
C SER A 296 -2.53 -28.99 23.02
N ASP A 297 -3.82 -28.73 23.28
CA ASP A 297 -4.95 -29.61 22.92
C ASP A 297 -5.50 -29.27 21.52
N VAL A 298 -4.99 -28.21 20.91
CA VAL A 298 -5.54 -27.75 19.61
C VAL A 298 -4.90 -28.62 18.50
N THR A 299 -5.74 -29.16 17.62
CA THR A 299 -5.34 -29.88 16.43
C THR A 299 -5.81 -29.10 15.18
N ASP A 300 -5.35 -29.45 13.98
CA ASP A 300 -5.84 -28.77 12.74
C ASP A 300 -7.34 -28.95 12.61
N GLU A 301 -7.85 -30.14 12.96
CA GLU A 301 -9.31 -30.38 12.91
C GLU A 301 -10.10 -29.47 13.79
N LEU A 302 -9.66 -29.31 15.03
CA LEU A 302 -10.30 -28.43 15.96
C LEU A 302 -10.24 -26.98 15.53
N ASN A 303 -9.07 -26.58 15.09
CA ASN A 303 -8.88 -25.25 14.51
C ASN A 303 -9.85 -25.00 13.34
N ASN A 304 -9.92 -25.97 12.44
CA ASN A 304 -10.73 -25.79 11.26
C ASN A 304 -12.18 -25.71 11.64
N GLU A 305 -12.66 -26.57 12.55
CA GLU A 305 -14.01 -26.49 13.04
C GLU A 305 -14.32 -25.17 13.71
N PHE A 306 -13.40 -24.71 14.55
CA PHE A 306 -13.60 -23.43 15.23
C PHE A 306 -13.70 -22.26 14.23
N ALA A 307 -12.80 -22.26 13.24
CA ALA A 307 -12.89 -21.27 12.19
C ALA A 307 -14.26 -21.29 11.49
N GLY A 308 -14.78 -22.50 11.26
CA GLY A 308 -16.11 -22.67 10.72
C GLY A 308 -17.21 -22.06 11.57
N ILE A 309 -17.12 -22.20 12.90
CA ILE A 309 -18.06 -21.57 13.83
C ILE A 309 -17.99 -20.06 13.72
N CYS A 310 -16.79 -19.54 13.61
CA CYS A 310 -16.63 -18.11 13.40
C CYS A 310 -17.30 -17.65 12.10
N ALA A 311 -17.09 -18.45 11.03
CA ALA A 311 -17.69 -18.17 9.77
C ALA A 311 -19.19 -18.23 9.83
N GLU A 312 -19.70 -19.24 10.53
N GLU A 312 -19.73 -19.24 10.52
CA GLU A 312 -21.16 -19.36 10.71
CA GLU A 312 -21.18 -19.33 10.59
C GLU A 312 -21.75 -18.11 11.36
C GLU A 312 -21.78 -18.12 11.29
N LYS A 313 -21.12 -17.62 12.43
N LYS A 313 -21.11 -17.67 12.35
CA LYS A 313 -21.63 -16.46 13.13
CA LYS A 313 -21.62 -16.53 13.08
C LYS A 313 -21.53 -15.19 12.25
C LYS A 313 -21.52 -15.22 12.26
N TYR A 314 -20.45 -15.12 11.45
CA TYR A 314 -20.22 -14.02 10.54
C TYR A 314 -21.30 -13.99 9.44
N TYR A 315 -21.32 -15.06 8.64
CA TYR A 315 -22.17 -15.08 7.47
C TYR A 315 -23.66 -15.08 7.83
N SER A 316 -24.04 -15.76 8.90
N SER A 316 -24.05 -15.79 8.89
CA SER A 316 -25.42 -15.78 9.23
CA SER A 316 -25.45 -15.78 9.29
C SER A 316 -25.92 -14.43 9.69
C SER A 316 -25.92 -14.42 9.68
N ALA A 317 -25.09 -13.68 10.43
CA ALA A 317 -25.50 -12.35 10.84
C ALA A 317 -25.80 -11.46 9.63
N ILE A 318 -24.94 -11.56 8.60
CA ILE A 318 -25.07 -10.69 7.46
C ILE A 318 -26.27 -11.10 6.60
N LYS A 319 -26.41 -12.42 6.34
CA LYS A 319 -27.56 -12.87 5.60
C LYS A 319 -28.88 -12.52 6.33
N ASN A 320 -28.90 -12.75 7.63
CA ASN A 320 -30.12 -12.40 8.42
C ASN A 320 -30.40 -10.90 8.38
N ALA A 321 -29.33 -10.10 8.35
CA ALA A 321 -29.48 -8.66 8.19
C ALA A 321 -30.10 -8.28 6.86
N VAL A 322 -29.68 -8.92 5.77
CA VAL A 322 -30.30 -8.68 4.49
C VAL A 322 -31.79 -9.07 4.54
N LYS A 323 -32.10 -10.22 5.11
N LYS A 323 -32.07 -10.23 5.12
CA LYS A 323 -33.48 -10.70 5.10
CA LYS A 323 -33.44 -10.78 5.16
C LYS A 323 -34.36 -9.77 5.89
C LYS A 323 -34.37 -9.87 5.95
N ALA A 324 -33.82 -9.19 6.95
CA ALA A 324 -34.59 -8.25 7.79
C ALA A 324 -34.65 -6.82 7.31
N SER A 325 -33.94 -6.53 6.24
CA SER A 325 -33.70 -5.16 5.78
C SER A 325 -34.82 -4.63 4.92
N LYS A 326 -34.63 -3.39 4.47
CA LYS A 326 -35.47 -2.76 3.48
C LYS A 326 -35.32 -3.36 2.07
N ASP A 327 -34.40 -4.28 1.87
CA ASP A 327 -34.25 -4.94 0.54
C ASP A 327 -33.79 -6.42 0.72
N PRO A 328 -34.70 -7.31 1.04
CA PRO A 328 -34.30 -8.70 1.21
C PRO A 328 -33.84 -9.42 -0.05
N GLU A 329 -34.00 -8.80 -1.24
CA GLU A 329 -33.62 -9.40 -2.48
C GLU A 329 -32.20 -9.03 -2.93
N LEU A 330 -31.47 -8.20 -2.15
CA LEU A 330 -30.07 -7.88 -2.48
C LEU A 330 -29.26 -9.14 -2.30
N LEU A 331 -28.43 -9.53 -3.26
CA LEU A 331 -27.60 -10.70 -3.13
C LEU A 331 -26.38 -10.44 -2.26
N TYR A 332 -26.13 -11.42 -1.38
CA TYR A 332 -24.96 -11.43 -0.55
C TYR A 332 -23.93 -12.36 -1.18
N LEU A 333 -22.80 -11.76 -1.59
CA LEU A 333 -21.75 -12.49 -2.36
C LEU A 333 -20.55 -12.82 -1.48
N GLY A 334 -20.70 -12.79 -0.19
CA GLY A 334 -19.66 -13.30 0.69
C GLY A 334 -18.54 -12.35 1.03
N SER A 335 -17.43 -12.96 1.46
CA SER A 335 -16.29 -12.24 2.05
C SER A 335 -14.96 -12.45 1.33
N ARG A 336 -14.97 -13.05 0.14
CA ARG A 336 -13.77 -13.11 -0.70
C ARG A 336 -12.68 -13.93 0.01
N LEU A 337 -12.99 -15.23 0.13
CA LEU A 337 -12.12 -16.15 0.83
C LEU A 337 -10.87 -16.33 0.05
N HIS A 338 -9.77 -16.69 0.74
CA HIS A 338 -8.48 -16.75 0.12
C HIS A 338 -7.62 -17.77 0.85
N SER A 339 -6.35 -17.87 0.49
CA SER A 339 -5.33 -18.50 1.34
C SER A 339 -5.79 -19.90 1.78
N LEU A 340 -5.59 -20.15 3.07
CA LEU A 340 -6.07 -21.40 3.69
C LEU A 340 -7.59 -21.46 3.91
N PRO A 341 -8.23 -20.31 4.23
CA PRO A 341 -9.68 -20.44 4.53
C PRO A 341 -10.51 -21.01 3.41
N LYS A 342 -10.18 -20.71 2.15
CA LYS A 342 -10.96 -21.24 1.04
C LYS A 342 -10.94 -22.77 0.94
N TYR A 343 -9.95 -23.41 1.57
CA TYR A 343 -9.84 -24.83 1.55
C TYR A 343 -10.46 -25.49 2.76
N ASN A 344 -10.94 -24.69 3.70
CA ASN A 344 -11.51 -25.24 4.94
C ASN A 344 -12.95 -25.60 4.72
N SER A 345 -13.27 -26.90 4.72
CA SER A 345 -14.59 -27.35 4.43
C SER A 345 -15.62 -26.79 5.41
N TYR A 346 -15.21 -26.54 6.67
CA TYR A 346 -16.16 -26.00 7.61
C TYR A 346 -16.59 -24.58 7.28
N ILE A 347 -15.65 -23.80 6.74
CA ILE A 347 -15.97 -22.42 6.33
C ILE A 347 -16.84 -22.45 5.07
N ILE A 348 -16.48 -23.31 4.13
CA ILE A 348 -17.28 -23.45 2.91
C ILE A 348 -18.71 -23.89 3.26
N LYS A 349 -18.86 -24.83 4.23
CA LYS A 349 -20.18 -25.23 4.68
C LYS A 349 -20.97 -24.06 5.21
N ALA A 350 -20.34 -23.26 6.07
CA ALA A 350 -21.02 -22.07 6.57
C ALA A 350 -21.43 -21.10 5.46
N ALA A 351 -20.48 -20.82 4.58
CA ALA A 351 -20.75 -19.89 3.50
C ALA A 351 -21.87 -20.40 2.62
N GLY A 352 -21.93 -21.73 2.36
CA GLY A 352 -23.03 -22.22 1.52
C GLY A 352 -24.40 -22.09 2.13
N LYS A 353 -24.47 -22.07 3.44
CA LYS A 353 -25.77 -21.97 4.14
C LYS A 353 -26.29 -20.56 4.08
N TYR A 354 -25.42 -19.56 3.97
CA TYR A 354 -25.80 -18.12 4.14
C TYR A 354 -25.54 -17.19 2.99
N CYS A 355 -24.51 -17.43 2.24
CA CYS A 355 -24.17 -16.61 1.12
C CYS A 355 -25.07 -16.99 -0.07
N ASP A 356 -25.52 -16.01 -0.85
CA ASP A 356 -26.13 -16.36 -2.11
C ASP A 356 -25.13 -16.93 -3.11
N VAL A 357 -23.92 -16.35 -3.10
CA VAL A 357 -22.79 -16.86 -3.90
C VAL A 357 -21.57 -16.74 -2.97
N ILE A 358 -20.75 -17.78 -2.95
CA ILE A 358 -19.52 -17.78 -2.20
C ILE A 358 -18.43 -17.11 -3.03
N SER A 359 -17.81 -16.05 -2.53
CA SER A 359 -16.72 -15.45 -3.29
C SER A 359 -15.40 -16.01 -2.81
N ILE A 360 -14.53 -16.26 -3.80
CA ILE A 360 -13.19 -16.83 -3.58
C ILE A 360 -12.18 -16.04 -4.44
N ASN A 361 -11.15 -15.50 -3.79
CA ASN A 361 -10.00 -14.96 -4.51
C ASN A 361 -9.05 -16.12 -4.76
N TYR A 362 -8.65 -16.38 -5.98
CA TYR A 362 -7.99 -17.65 -6.36
C TYR A 362 -6.59 -17.43 -6.86
N TYR A 363 -5.64 -17.51 -5.93
CA TYR A 363 -4.23 -17.28 -6.18
C TYR A 363 -3.41 -18.54 -5.89
N SER A 364 -2.19 -18.46 -6.46
CA SER A 364 -1.10 -19.40 -6.18
C SER A 364 -1.21 -20.72 -6.84
N LYS A 365 -2.16 -20.84 -7.78
N LYS A 365 -2.12 -20.84 -7.81
CA LYS A 365 -2.35 -22.06 -8.58
CA LYS A 365 -2.38 -22.11 -8.53
C LYS A 365 -2.36 -21.71 -10.05
C LYS A 365 -2.53 -21.89 -10.03
N TRP A 366 -1.66 -22.51 -10.83
CA TRP A 366 -1.71 -22.32 -12.26
C TRP A 366 -3.08 -22.72 -12.80
N SER A 367 -3.60 -23.85 -12.30
CA SER A 367 -4.85 -24.41 -12.78
C SER A 367 -5.88 -24.42 -11.64
N PRO A 368 -7.14 -24.04 -11.93
CA PRO A 368 -8.18 -24.32 -10.95
C PRO A 368 -8.22 -25.78 -10.55
N GLU A 369 -8.42 -26.06 -9.27
CA GLU A 369 -8.27 -27.44 -8.78
C GLU A 369 -9.65 -28.10 -8.78
N LYS A 370 -9.90 -28.93 -9.76
CA LYS A 370 -11.25 -29.46 -9.92
C LYS A 370 -11.68 -30.31 -8.72
N GLY A 371 -10.77 -31.03 -8.10
CA GLY A 371 -11.14 -31.77 -6.91
C GLY A 371 -11.62 -30.88 -5.78
N TYR A 372 -10.92 -29.78 -5.56
CA TYR A 372 -11.38 -28.82 -4.55
C TYR A 372 -12.70 -28.14 -4.97
N MET A 373 -12.85 -27.82 -6.26
CA MET A 373 -14.08 -27.17 -6.68
C MET A 373 -15.27 -28.12 -6.57
N ASP A 374 -15.06 -29.40 -6.84
CA ASP A 374 -16.09 -30.40 -6.58
C ASP A 374 -16.40 -30.55 -5.09
N GLY A 375 -15.38 -30.50 -4.26
CA GLY A 375 -15.59 -30.43 -2.85
C GLY A 375 -16.42 -29.25 -2.41
N TRP A 376 -16.11 -28.09 -2.98
CA TRP A 376 -16.91 -26.90 -2.68
C TRP A 376 -18.39 -27.11 -3.00
N LYS A 377 -18.66 -27.78 -4.12
CA LYS A 377 -20.03 -28.04 -4.48
C LYS A 377 -20.76 -28.81 -3.40
N ASN A 378 -20.12 -29.87 -2.90
N ASN A 378 -20.11 -29.87 -2.91
CA ASN A 378 -20.74 -30.70 -1.87
CA ASN A 378 -20.72 -30.72 -1.89
C ASN A 378 -20.82 -29.98 -0.55
C ASN A 378 -20.81 -29.98 -0.57
N GLN A 379 -19.71 -29.38 -0.16
CA GLN A 379 -19.63 -28.70 1.10
C GLN A 379 -20.65 -27.58 1.28
N ALA A 380 -20.82 -26.82 0.19
CA ALA A 380 -21.69 -25.68 0.19
C ALA A 380 -23.16 -26.06 -0.03
N GLY A 381 -23.50 -27.37 -0.09
CA GLY A 381 -24.87 -27.70 -0.29
C GLY A 381 -25.41 -27.30 -1.64
N GLY A 382 -24.50 -27.15 -2.60
CA GLY A 382 -24.86 -26.75 -3.94
C GLY A 382 -24.86 -25.23 -4.20
N THR A 383 -24.67 -24.42 -3.14
CA THR A 383 -24.56 -22.96 -3.33
C THR A 383 -23.33 -22.71 -4.18
N PRO A 384 -23.46 -21.89 -5.21
CA PRO A 384 -22.31 -21.67 -6.13
C PRO A 384 -21.28 -20.73 -5.54
N PHE A 385 -20.13 -20.73 -6.23
CA PHE A 385 -19.07 -19.78 -5.94
C PHE A 385 -18.78 -18.95 -7.19
N MET A 386 -18.06 -17.85 -6.94
CA MET A 386 -17.52 -17.02 -8.00
C MET A 386 -16.06 -16.72 -7.66
N VAL A 387 -15.23 -16.58 -8.65
CA VAL A 387 -13.83 -16.19 -8.45
C VAL A 387 -13.79 -14.69 -8.52
N THR A 388 -13.48 -14.06 -7.42
CA THR A 388 -13.50 -12.61 -7.33
C THR A 388 -12.18 -11.96 -7.66
N GLU A 389 -11.10 -12.71 -7.72
CA GLU A 389 -9.84 -12.15 -8.18
C GLU A 389 -8.98 -13.28 -8.76
N PHE A 390 -8.30 -12.96 -9.87
CA PHE A 390 -7.26 -13.78 -10.44
C PHE A 390 -6.58 -12.87 -11.50
N TYR A 391 -5.28 -13.13 -11.77
CA TYR A 391 -4.54 -12.46 -12.83
C TYR A 391 -3.16 -13.04 -12.93
N THR A 392 -2.47 -12.64 -14.00
CA THR A 392 -1.02 -12.71 -14.14
C THR A 392 -0.48 -11.36 -14.51
N LYS A 393 0.85 -11.22 -14.32
CA LYS A 393 1.58 -9.97 -14.63
C LYS A 393 2.51 -10.28 -15.80
N GLY A 394 2.75 -9.29 -16.64
CA GLY A 394 3.67 -9.43 -17.79
C GLY A 394 5.04 -8.83 -17.54
N GLU A 395 6.07 -9.64 -17.73
CA GLU A 395 7.44 -9.19 -17.57
C GLU A 395 7.84 -8.15 -18.63
N ASP A 396 7.20 -8.23 -19.78
CA ASP A 396 7.43 -7.31 -20.87
C ASP A 396 7.16 -5.87 -20.57
N THR A 397 6.38 -5.60 -19.56
CA THR A 397 6.09 -4.23 -19.15
C THR A 397 7.30 -3.57 -18.51
N LYS A 398 8.21 -4.40 -17.99
CA LYS A 398 9.41 -3.94 -17.30
C LYS A 398 9.12 -3.28 -15.94
N LEU A 399 7.86 -3.42 -15.50
CA LEU A 399 7.49 -2.89 -14.21
C LEU A 399 8.10 -3.72 -13.06
N ASP A 400 8.23 -3.13 -11.90
CA ASP A 400 8.72 -3.78 -10.65
C ASP A 400 8.08 -5.15 -10.52
N ASN A 401 6.75 -5.18 -10.52
CA ASN A 401 5.99 -6.42 -10.60
C ASN A 401 6.08 -7.24 -9.33
N SER A 402 6.64 -6.74 -8.23
CA SER A 402 6.77 -7.54 -7.04
C SER A 402 5.49 -7.64 -6.21
N SER A 403 4.67 -6.60 -6.19
N SER A 403 4.67 -6.58 -6.22
CA SER A 403 3.51 -6.62 -5.32
CA SER A 403 3.45 -6.53 -5.43
C SER A 403 2.46 -7.54 -5.91
C SER A 403 2.44 -7.55 -5.94
N GLY A 404 1.77 -8.24 -5.02
CA GLY A 404 0.63 -9.07 -5.39
C GLY A 404 1.02 -10.50 -5.69
N ALA A 405 0.02 -11.37 -5.57
CA ALA A 405 0.22 -12.78 -5.71
C ALA A 405 0.10 -13.34 -7.12
N GLY A 406 -0.35 -12.55 -8.08
CA GLY A 406 -0.46 -13.06 -9.42
C GLY A 406 0.88 -13.46 -9.99
N PHE A 407 0.93 -14.57 -10.70
CA PHE A 407 2.18 -15.01 -11.26
C PHE A 407 2.68 -14.08 -12.38
N VAL A 408 3.97 -14.10 -12.60
CA VAL A 408 4.58 -13.38 -13.72
C VAL A 408 4.76 -14.31 -14.92
N VAL A 409 4.31 -13.85 -16.08
CA VAL A 409 4.49 -14.53 -17.35
C VAL A 409 5.32 -13.61 -18.25
N ARG A 410 5.73 -14.14 -19.40
CA ARG A 410 6.71 -13.35 -20.17
C ARG A 410 6.18 -12.07 -20.79
N ASP A 411 4.92 -12.10 -21.27
CA ASP A 411 4.40 -11.00 -22.09
C ASP A 411 2.89 -10.99 -22.07
N GLN A 412 2.30 -10.00 -22.74
CA GLN A 412 0.86 -9.85 -22.72
C GLN A 412 0.14 -11.03 -23.39
N GLN A 413 0.72 -11.55 -24.46
CA GLN A 413 0.12 -12.73 -25.09
C GLN A 413 0.01 -13.87 -24.07
N ASN A 414 1.05 -14.07 -23.27
CA ASN A 414 1.02 -15.16 -22.30
C ASN A 414 0.07 -14.83 -21.15
N ARG A 415 -0.15 -13.55 -20.81
CA ARG A 415 -1.21 -13.23 -19.90
C ARG A 415 -2.54 -13.70 -20.48
N GLY A 416 -2.70 -13.50 -21.76
CA GLY A 416 -3.91 -13.97 -22.45
C GLY A 416 -4.05 -15.47 -22.39
N PHE A 417 -2.96 -16.20 -22.66
CA PHE A 417 -2.99 -17.64 -22.54
C PHE A 417 -3.33 -18.09 -21.12
N ALA A 418 -2.76 -17.43 -20.11
CA ALA A 418 -3.07 -17.77 -18.72
C ALA A 418 -4.54 -17.49 -18.42
N TYR A 419 -5.09 -16.38 -18.93
CA TYR A 419 -6.49 -16.08 -18.72
C TYR A 419 -7.34 -17.20 -19.32
N GLN A 420 -7.05 -17.61 -20.56
CA GLN A 420 -7.80 -18.71 -21.17
C GLN A 420 -7.69 -19.97 -20.37
N HIS A 421 -6.48 -20.33 -19.94
CA HIS A 421 -6.30 -21.57 -19.19
C HIS A 421 -7.14 -21.55 -17.89
N PHE A 422 -7.03 -20.45 -17.15
CA PHE A 422 -7.68 -20.42 -15.84
C PHE A 422 -9.20 -20.40 -16.05
N THR A 423 -9.69 -19.58 -16.96
CA THR A 423 -11.13 -19.50 -17.16
C THR A 423 -11.71 -20.78 -17.73
N LEU A 424 -11.01 -21.47 -18.62
CA LEU A 424 -11.53 -22.77 -19.08
C LEU A 424 -11.69 -23.72 -17.92
N GLY A 425 -10.73 -23.72 -17.01
CA GLY A 425 -10.84 -24.52 -15.84
C GLY A 425 -12.05 -24.23 -15.00
N LEU A 426 -12.36 -22.93 -14.87
CA LEU A 426 -13.54 -22.48 -14.09
C LEU A 426 -14.83 -22.85 -14.85
N LEU A 427 -14.84 -22.75 -16.18
CA LEU A 427 -16.03 -23.07 -16.97
C LEU A 427 -16.47 -24.50 -16.74
N GLU A 428 -15.52 -25.40 -16.47
CA GLU A 428 -15.89 -26.77 -16.22
C GLU A 428 -16.56 -27.01 -14.87
N ALA A 429 -16.42 -26.08 -13.96
CA ALA A 429 -17.04 -26.20 -12.65
C ALA A 429 -18.48 -25.73 -12.73
N LYS A 430 -19.43 -26.65 -12.62
N LYS A 430 -19.43 -26.65 -12.62
CA LYS A 430 -20.84 -26.33 -12.74
CA LYS A 430 -20.85 -26.33 -12.74
C LYS A 430 -21.37 -25.50 -11.59
C LYS A 430 -21.37 -25.50 -11.59
N ASN A 431 -20.60 -25.48 -10.49
CA ASN A 431 -20.90 -24.64 -9.35
C ASN A 431 -20.22 -23.27 -9.36
N CYS A 432 -19.52 -22.94 -10.45
CA CYS A 432 -18.94 -21.58 -10.56
C CYS A 432 -19.83 -20.74 -11.46
N VAL A 433 -20.28 -19.60 -10.98
CA VAL A 433 -21.14 -18.74 -11.75
C VAL A 433 -20.39 -17.60 -12.48
N GLY A 434 -19.05 -17.58 -12.38
CA GLY A 434 -18.21 -16.73 -13.14
C GLY A 434 -17.09 -16.14 -12.30
N TRP A 435 -16.53 -15.07 -12.86
CA TRP A 435 -15.24 -14.57 -12.35
C TRP A 435 -15.11 -13.09 -12.56
N VAL A 436 -14.08 -12.59 -11.89
CA VAL A 436 -13.68 -11.20 -11.95
C VAL A 436 -12.20 -11.12 -12.09
N PHE A 437 -11.75 -10.47 -13.16
CA PHE A 437 -10.33 -10.23 -13.37
C PHE A 437 -9.87 -9.09 -12.48
N PHE A 438 -8.76 -9.31 -11.74
CA PHE A 438 -8.18 -8.32 -10.89
C PHE A 438 -6.95 -7.80 -11.60
N LYS A 439 -6.98 -6.57 -12.18
CA LYS A 439 -7.94 -5.50 -11.98
C LYS A 439 -7.94 -4.58 -13.18
N TYR A 440 -8.74 -3.51 -13.05
CA TYR A 440 -8.91 -2.56 -14.14
C TYR A 440 -7.58 -1.97 -14.63
N LEU A 441 -6.86 -1.30 -13.73
CA LEU A 441 -5.60 -0.63 -14.08
C LEU A 441 -4.40 -1.23 -13.42
N ASP A 442 -3.29 -1.11 -14.12
CA ASP A 442 -2.01 -1.32 -13.46
C ASP A 442 -1.85 -0.44 -12.24
N ASP A 443 -1.08 -0.93 -11.26
CA ASP A 443 -0.42 -0.01 -10.36
C ASP A 443 0.67 0.71 -11.12
N GLU A 444 1.15 1.85 -10.61
CA GLU A 444 2.24 2.53 -11.30
C GLU A 444 3.45 1.61 -11.48
N ASP A 445 3.64 0.67 -10.56
CA ASP A 445 4.79 -0.21 -10.58
C ASP A 445 4.45 -1.70 -10.63
N CYS A 446 3.27 -2.06 -11.14
CA CYS A 446 2.96 -3.49 -11.22
C CYS A 446 1.90 -3.75 -12.29
N ASN A 447 2.10 -4.74 -13.11
CA ASN A 447 1.23 -5.10 -14.20
C ASN A 447 0.05 -5.97 -13.73
N LYS A 448 -0.83 -5.36 -12.94
CA LYS A 448 -2.07 -6.02 -12.51
C LYS A 448 -3.23 -5.71 -13.41
N GLY A 449 -3.08 -4.81 -14.37
CA GLY A 449 -4.24 -4.30 -15.04
C GLY A 449 -4.58 -4.90 -16.36
N MET A 450 -5.85 -4.76 -16.73
N MET A 450 -5.86 -4.77 -16.75
CA MET A 450 -6.26 -4.95 -18.12
CA MET A 450 -6.24 -4.95 -18.15
C MET A 450 -5.88 -3.71 -18.98
C MET A 450 -5.87 -3.70 -18.98
N LEU A 451 -5.76 -2.55 -18.30
CA LEU A 451 -5.30 -1.29 -18.89
C LEU A 451 -4.02 -0.90 -18.14
N ASP A 452 -3.12 -0.22 -18.85
CA ASP A 452 -1.96 0.33 -18.21
C ASP A 452 -2.31 1.58 -17.39
N TYR A 453 -1.28 2.13 -16.72
CA TYR A 453 -1.51 3.24 -15.79
C TYR A 453 -1.99 4.51 -16.54
N ASN A 454 -1.74 4.57 -17.87
CA ASN A 454 -2.25 5.63 -18.73
C ASN A 454 -3.55 5.32 -19.41
N TYR A 455 -4.28 4.35 -18.86
CA TYR A 455 -5.60 3.95 -19.37
C TYR A 455 -5.56 3.35 -20.76
N LYS A 456 -4.43 2.78 -21.16
N LYS A 456 -4.42 2.79 -21.17
N LYS A 456 -4.43 2.77 -21.16
CA LYS A 456 -4.34 2.11 -22.46
CA LYS A 456 -4.32 2.10 -22.47
CA LYS A 456 -4.36 2.08 -22.45
C LYS A 456 -4.53 0.59 -22.31
C LYS A 456 -4.53 0.58 -22.31
C LYS A 456 -4.55 0.57 -22.31
N PRO A 457 -5.54 0.01 -22.97
CA PRO A 457 -5.74 -1.43 -22.87
C PRO A 457 -4.54 -2.20 -23.39
N TYR A 458 -4.26 -3.33 -22.72
CA TYR A 458 -3.29 -4.28 -23.22
C TYR A 458 -4.02 -5.13 -24.25
N THR A 459 -3.90 -4.73 -25.53
CA THR A 459 -4.72 -5.32 -26.57
C THR A 459 -4.46 -6.81 -26.80
N SER A 460 -3.22 -7.25 -26.61
N SER A 460 -3.24 -7.30 -26.63
CA SER A 460 -2.92 -8.65 -26.72
CA SER A 460 -3.10 -8.74 -26.77
C SER A 460 -3.62 -9.49 -25.69
C SER A 460 -3.88 -9.46 -25.71
N LEU A 461 -3.74 -8.99 -24.47
CA LEU A 461 -4.50 -9.62 -23.44
C LEU A 461 -6.01 -9.58 -23.76
N THR A 462 -6.53 -8.41 -24.12
CA THR A 462 -7.96 -8.29 -24.32
C THR A 462 -8.44 -9.14 -25.50
N LYS A 463 -7.61 -9.39 -26.48
CA LYS A 463 -7.98 -10.29 -27.58
C LYS A 463 -8.29 -11.66 -27.04
N TYR A 464 -7.36 -12.21 -26.23
CA TYR A 464 -7.58 -13.57 -25.70
C TYR A 464 -8.75 -13.60 -24.68
N MET A 465 -8.88 -12.51 -23.90
CA MET A 465 -10.03 -12.43 -23.01
C MET A 465 -11.34 -12.48 -23.75
N SER A 466 -11.41 -11.73 -24.87
CA SER A 466 -12.64 -11.62 -25.68
C SER A 466 -13.01 -13.00 -26.19
N ASP A 467 -12.02 -13.77 -26.70
CA ASP A 467 -12.32 -15.04 -27.30
C ASP A 467 -13.02 -15.98 -26.30
N ILE A 468 -12.57 -15.95 -25.03
CA ILE A 468 -13.29 -16.68 -23.99
C ILE A 468 -14.65 -16.05 -23.65
N ASN A 469 -14.59 -14.77 -23.34
CA ASN A 469 -15.74 -14.11 -22.74
C ASN A 469 -16.94 -14.10 -23.67
N TRP A 470 -16.67 -13.95 -24.98
CA TRP A 470 -17.77 -13.99 -25.95
C TRP A 470 -18.43 -15.37 -26.05
N ASN A 471 -17.69 -16.39 -25.67
CA ASN A 471 -18.03 -17.79 -25.92
C ASN A 471 -18.41 -18.59 -24.66
N VAL A 472 -18.50 -17.95 -23.51
CA VAL A 472 -18.74 -18.70 -22.31
C VAL A 472 -19.99 -19.59 -22.39
N TYR A 473 -21.05 -19.06 -22.98
CA TYR A 473 -22.30 -19.82 -22.98
C TYR A 473 -22.20 -21.09 -23.85
N ASN A 474 -21.55 -20.95 -25.02
CA ASN A 474 -21.40 -22.14 -25.87
C ASN A 474 -20.26 -23.07 -25.40
N LEU A 475 -19.29 -22.53 -24.67
CA LEU A 475 -18.31 -23.36 -24.03
C LEU A 475 -18.96 -24.23 -22.93
N ILE A 476 -19.80 -23.61 -22.15
CA ILE A 476 -20.56 -24.34 -21.13
C ILE A 476 -21.34 -25.48 -21.80
N ASP A 477 -21.99 -25.18 -22.90
CA ASP A 477 -22.74 -26.23 -23.60
C ASP A 477 -21.80 -27.39 -23.97
N TYR A 478 -20.63 -27.05 -24.51
CA TYR A 478 -19.61 -28.06 -24.88
C TYR A 478 -19.15 -28.89 -23.69
N PHE A 479 -18.90 -28.23 -22.57
CA PHE A 479 -18.46 -28.96 -21.38
C PHE A 479 -19.56 -29.85 -20.76
N ASP A 480 -20.78 -29.39 -20.81
CA ASP A 480 -21.87 -30.02 -20.09
C ASP A 480 -22.60 -31.07 -20.91
N LYS A 481 -22.40 -31.12 -22.25
CA LYS A 481 -23.20 -32.00 -23.19
C LYS A 481 -23.03 -33.51 -22.85
N PRO B 25 4.55 11.49 34.96
CA PRO B 25 4.68 10.30 35.80
C PRO B 25 5.89 10.45 36.67
N VAL B 26 6.16 9.43 37.51
CA VAL B 26 7.04 9.59 38.67
C VAL B 26 8.46 9.59 38.20
N PRO B 27 9.15 10.72 38.33
CA PRO B 27 10.53 10.76 37.84
C PRO B 27 11.49 10.12 38.81
N GLY B 28 12.48 9.46 38.27
CA GLY B 28 13.59 8.92 39.06
C GLY B 28 14.67 9.94 39.42
N PRO B 29 15.70 9.50 40.16
CA PRO B 29 16.72 10.46 40.56
C PRO B 29 17.47 10.98 39.38
N ALA B 30 18.00 12.20 39.47
CA ALA B 30 18.82 12.77 38.38
C ALA B 30 20.01 11.90 38.09
N GLU B 31 20.25 11.67 36.80
CA GLU B 31 21.38 10.92 36.32
C GLU B 31 21.81 11.51 35.01
N THR B 32 23.05 11.27 34.60
CA THR B 32 23.58 11.77 33.36
C THR B 32 22.98 11.01 32.18
N TYR B 33 22.45 11.74 31.21
CA TYR B 33 21.92 11.15 29.99
C TYR B 33 23.10 10.58 29.20
N PRO B 34 22.95 9.37 28.65
CA PRO B 34 24.09 8.78 27.99
C PRO B 34 24.70 9.67 26.89
N ASN B 35 26.04 9.76 26.89
CA ASN B 35 26.84 10.51 25.90
C ASN B 35 26.58 12.03 25.96
N SER B 36 26.05 12.49 27.10
CA SER B 36 25.76 13.91 27.36
C SER B 36 26.54 14.32 28.62
N THR B 37 26.70 15.64 28.78
CA THR B 37 27.08 16.20 30.09
C THR B 37 25.85 16.64 30.90
N LYS B 38 24.65 16.59 30.35
CA LYS B 38 23.47 17.03 31.03
C LYS B 38 22.73 15.93 31.76
N GLN B 39 22.23 16.27 32.93
CA GLN B 39 21.45 15.40 33.74
C GLN B 39 19.96 15.46 33.39
N TYR B 40 19.25 14.41 33.73
CA TYR B 40 17.78 14.38 33.62
C TYR B 40 17.22 13.47 34.68
N GLN B 41 15.96 13.63 34.95
CA GLN B 41 15.27 12.70 35.79
C GLN B 41 14.41 11.85 34.91
N PRO B 42 14.71 10.56 34.81
CA PRO B 42 14.02 9.74 33.84
C PRO B 42 12.60 9.39 34.24
N ILE B 43 11.75 9.26 33.25
CA ILE B 43 10.45 8.62 33.43
C ILE B 43 10.44 7.31 32.63
N ILE B 44 9.47 6.46 32.93
CA ILE B 44 9.25 5.26 32.18
C ILE B 44 8.10 5.43 31.22
N VAL B 45 8.40 5.10 29.95
CA VAL B 45 7.43 5.00 28.88
C VAL B 45 7.43 3.56 28.34
N GLU B 46 6.24 2.99 28.24
CA GLU B 46 6.06 1.68 27.63
C GLU B 46 5.99 1.77 26.12
N TYR B 47 6.65 0.88 25.42
CA TYR B 47 6.46 0.80 23.96
C TYR B 47 6.49 -0.64 23.50
N ALA B 48 5.93 -0.86 22.31
CA ALA B 48 5.94 -2.16 21.64
C ALA B 48 6.38 -1.97 20.22
N GLU B 49 7.04 -2.99 19.68
CA GLU B 49 7.49 -2.93 18.28
C GLU B 49 6.34 -2.95 17.30
N LYS B 50 5.29 -3.66 17.66
CA LYS B 50 4.04 -3.80 16.87
C LYS B 50 2.90 -3.91 17.86
N PRO B 51 1.67 -3.63 17.41
CA PRO B 51 0.54 -3.51 18.35
C PRO B 51 0.12 -4.76 19.09
N ASP B 52 0.41 -5.92 18.50
CA ASP B 52 0.07 -7.20 19.06
C ASP B 52 1.16 -7.77 19.97
N LYS B 53 2.28 -7.07 20.14
CA LYS B 53 3.45 -7.59 20.86
C LYS B 53 3.42 -7.02 22.28
N ALA B 54 4.28 -7.61 23.12
CA ALA B 54 4.42 -7.13 24.50
C ALA B 54 5.06 -5.75 24.55
N PHE B 55 4.59 -4.95 25.51
CA PHE B 55 5.17 -3.65 25.77
C PHE B 55 6.35 -3.80 26.72
N ILE B 56 7.41 -3.06 26.49
CA ILE B 56 8.50 -3.01 27.37
C ILE B 56 8.67 -1.60 27.95
N GLU B 57 9.36 -1.51 29.07
CA GLU B 57 9.61 -0.25 29.72
C GLU B 57 10.91 0.35 29.24
N ALA B 58 10.87 1.67 28.96
CA ALA B 58 12.05 2.43 28.52
C ALA B 58 12.23 3.73 29.28
N LYS B 59 13.44 3.96 29.78
CA LYS B 59 13.81 5.21 30.36
C LYS B 59 13.74 6.28 29.31
N THR B 60 13.12 7.40 29.66
CA THR B 60 12.79 8.44 28.69
C THR B 60 13.09 9.80 29.32
N ARG B 61 13.60 10.68 28.49
CA ARG B 61 13.94 12.06 28.85
C ARG B 61 12.90 12.98 28.22
N ILE B 62 12.22 13.71 29.11
CA ILE B 62 11.24 14.71 28.64
C ILE B 62 11.65 16.10 29.11
N LEU B 63 11.12 17.13 28.44
CA LEU B 63 11.58 18.51 28.65
C LEU B 63 11.47 19.02 30.10
N PRO B 64 10.36 18.71 30.80
CA PRO B 64 10.19 19.15 32.20
C PRO B 64 11.26 18.62 33.16
N TYR B 65 11.94 17.52 32.77
CA TYR B 65 12.91 16.86 33.64
C TYR B 65 14.33 16.98 33.19
N LEU B 66 14.62 17.99 32.36
CA LEU B 66 15.96 18.28 31.91
C LEU B 66 16.61 19.16 32.96
N VAL B 67 17.67 18.68 33.59
CA VAL B 67 18.27 19.40 34.72
C VAL B 67 19.03 20.60 34.24
N GLY B 68 18.70 21.75 34.81
CA GLY B 68 19.36 22.99 34.39
C GLY B 68 18.69 23.74 33.28
N TYR B 69 17.53 23.28 32.84
CA TYR B 69 16.77 23.91 31.77
C TYR B 69 15.37 24.14 32.23
N GLU B 70 14.91 25.40 32.08
CA GLU B 70 13.51 25.70 32.28
C GLU B 70 12.92 26.20 30.98
N GLN B 71 11.72 25.69 30.65
CA GLN B 71 11.12 26.07 29.38
C GLN B 71 11.01 27.60 29.24
N GLN B 72 11.54 28.13 28.15
N GLN B 72 11.55 28.14 28.15
CA GLN B 72 11.71 29.56 28.00
CA GLN B 72 11.71 29.56 28.00
C GLN B 72 10.47 30.14 27.33
C GLN B 72 10.49 30.16 27.30
N THR B 73 10.18 29.66 26.11
CA THR B 73 9.00 30.09 25.37
C THR B 73 7.82 29.24 25.76
N LYS B 74 6.69 29.86 26.16
CA LYS B 74 5.58 29.16 26.80
C LYS B 74 4.25 29.26 26.11
N THR B 75 4.17 30.06 25.06
CA THR B 75 2.96 30.19 24.32
C THR B 75 3.29 30.40 22.84
N GLN B 76 2.31 30.16 22.00
CA GLN B 76 2.49 30.31 20.59
C GLN B 76 2.78 31.76 20.19
N ASP B 77 2.11 32.70 20.88
N ASP B 77 2.17 32.72 20.88
CA ASP B 77 2.36 34.14 20.68
CA ASP B 77 2.40 34.11 20.55
C ASP B 77 3.81 34.46 20.95
C ASP B 77 3.78 34.59 21.03
N GLU B 78 4.33 34.00 22.09
CA GLU B 78 5.71 34.29 22.47
C GLU B 78 6.61 33.72 21.37
N TYR B 79 6.31 32.49 20.92
CA TYR B 79 7.14 31.91 19.92
C TYR B 79 7.14 32.68 18.61
N LEU B 80 5.97 33.06 18.15
CA LEU B 80 5.88 33.68 16.84
C LEU B 80 6.58 35.03 16.82
N GLN B 81 6.77 35.67 17.99
CA GLN B 81 7.55 36.91 18.09
C GLN B 81 9.06 36.68 18.00
N SER B 82 9.52 35.46 18.25
CA SER B 82 10.97 35.17 18.27
C SER B 82 11.49 34.69 16.90
N VAL B 83 10.61 34.42 15.93
CA VAL B 83 10.98 33.92 14.65
C VAL B 83 10.47 34.76 13.49
N ASN B 84 11.11 34.60 12.32
CA ASN B 84 10.66 35.27 11.11
C ASN B 84 9.65 34.43 10.32
N LYS B 85 9.35 34.88 9.10
CA LYS B 85 8.30 34.18 8.32
C LYS B 85 8.61 32.74 7.94
N TYR B 86 9.87 32.39 7.97
CA TYR B 86 10.33 31.06 7.70
C TYR B 86 10.44 30.15 8.91
N GLY B 87 10.20 30.71 10.09
CA GLY B 87 10.44 29.97 11.34
C GLY B 87 11.89 30.01 11.80
N SER B 88 12.67 30.91 11.23
CA SER B 88 14.06 31.08 11.63
C SER B 88 14.17 32.02 12.81
N TYR B 89 15.11 31.76 13.70
CA TYR B 89 15.28 32.63 14.86
C TYR B 89 15.69 34.01 14.36
N ALA B 90 15.02 35.03 14.90
CA ALA B 90 15.12 36.39 14.41
C ALA B 90 15.87 37.33 15.30
N LYS B 91 16.26 36.87 16.49
CA LYS B 91 16.77 37.75 17.54
C LYS B 91 18.18 37.43 17.97
N GLY B 92 18.91 36.66 17.15
CA GLY B 92 20.22 36.16 17.54
C GLY B 92 21.23 36.28 16.43
N GLN B 93 21.77 35.13 16.02
CA GLN B 93 22.76 35.10 14.97
C GLN B 93 22.13 35.27 13.61
N LYS B 94 22.96 35.69 12.68
CA LYS B 94 22.61 35.86 11.29
C LYS B 94 23.83 35.62 10.46
N PHE B 95 23.60 35.18 9.24
CA PHE B 95 24.68 34.83 8.32
C PHE B 95 24.46 35.58 7.00
N LYS B 96 25.36 35.40 6.03
CA LYS B 96 25.17 36.01 4.71
C LYS B 96 23.87 35.50 4.06
N ALA B 97 23.11 36.42 3.50
CA ALA B 97 21.87 36.13 2.81
C ALA B 97 22.11 36.07 1.33
N THR B 98 21.68 34.96 0.73
CA THR B 98 21.84 34.75 -0.73
C THR B 98 20.51 34.79 -1.47
N GLY B 99 19.41 34.94 -0.73
CA GLY B 99 18.08 34.84 -1.31
C GLY B 99 17.59 33.42 -1.49
N ARG B 100 18.38 32.45 -1.02
CA ARG B 100 18.01 31.03 -1.20
C ARG B 100 18.39 30.30 0.12
N PHE B 101 17.67 29.22 0.43
CA PHE B 101 18.08 28.33 1.47
C PHE B 101 19.45 27.78 1.13
N ARG B 102 20.32 27.71 2.15
CA ARG B 102 21.69 27.22 1.98
C ARG B 102 22.13 26.57 3.29
N VAL B 103 23.31 25.98 3.28
CA VAL B 103 23.85 25.40 4.47
C VAL B 103 25.07 26.16 4.93
N GLU B 104 25.10 26.53 6.20
CA GLU B 104 26.28 27.08 6.80
C GLU B 104 26.85 25.89 7.53
N LYS B 105 27.83 25.25 6.87
CA LYS B 105 28.47 24.03 7.33
C LYS B 105 29.58 24.40 8.25
N ASN B 106 29.60 23.78 9.42
CA ASN B 106 30.67 24.04 10.37
C ASN B 106 30.98 22.74 11.10
N SER B 107 31.90 21.99 10.52
N SER B 107 31.86 21.94 10.56
CA SER B 107 32.31 20.64 10.97
CA SER B 107 32.12 20.61 11.11
C SER B 107 32.70 20.56 12.45
C SER B 107 32.51 20.65 12.57
N ASN B 108 33.40 21.60 12.92
CA ASN B 108 33.89 21.68 14.33
C ASN B 108 33.00 22.42 15.29
N GLY B 109 31.88 22.88 14.75
CA GLY B 109 30.90 23.57 15.50
C GLY B 109 29.56 23.02 15.11
N ARG B 110 28.60 23.90 14.97
CA ARG B 110 27.24 23.52 14.65
C ARG B 110 26.87 24.04 13.26
N SER B 111 26.31 23.15 12.44
CA SER B 111 25.84 23.51 11.16
C SER B 111 24.40 23.99 11.26
N TRP B 112 24.03 24.84 10.34
CA TRP B 112 22.66 25.38 10.24
C TRP B 112 22.22 25.42 8.80
N ILE B 113 20.93 25.18 8.61
CA ILE B 113 20.27 25.69 7.39
C ILE B 113 20.07 27.19 7.61
N VAL B 114 20.42 27.98 6.59
CA VAL B 114 20.24 29.42 6.59
C VAL B 114 19.18 29.74 5.57
N ASP B 115 18.20 30.57 6.02
CA ASP B 115 17.06 30.98 5.18
C ASP B 115 17.48 32.02 4.12
N PRO B 116 16.61 32.33 3.21
CA PRO B 116 16.92 33.29 2.16
C PRO B 116 17.41 34.66 2.62
N GLU B 117 17.02 35.04 3.84
CA GLU B 117 17.37 36.31 4.43
C GLU B 117 18.56 36.23 5.40
N GLY B 118 19.21 35.06 5.50
CA GLY B 118 20.41 34.90 6.29
C GLY B 118 20.16 34.44 7.72
N TYR B 119 18.92 34.15 8.10
CA TYR B 119 18.64 33.72 9.46
C TYR B 119 18.70 32.22 9.60
N PRO B 120 19.10 31.75 10.78
CA PRO B 120 19.23 30.28 10.94
C PRO B 120 17.85 29.67 11.11
N TYR B 121 17.58 28.66 10.26
CA TYR B 121 16.31 27.95 10.28
C TYR B 121 16.57 26.51 10.78
N TYR B 122 16.15 26.20 11.98
CA TYR B 122 16.21 24.83 12.50
C TYR B 122 15.02 24.09 11.90
N VAL B 123 15.32 23.04 11.13
CA VAL B 123 14.24 22.42 10.33
C VAL B 123 13.29 21.68 11.30
N ARG B 124 12.01 22.02 11.22
CA ARG B 124 10.92 21.27 11.89
C ARG B 124 9.82 21.11 10.87
N GLY B 125 9.77 19.89 10.28
CA GLY B 125 8.92 19.65 9.21
C GLY B 125 7.90 18.54 9.47
N ILE B 126 6.91 18.47 8.58
N ILE B 126 6.92 18.47 8.57
CA ILE B 126 5.88 17.42 8.59
CA ILE B 126 5.87 17.43 8.58
C ILE B 126 5.89 16.73 7.22
C ILE B 126 5.89 16.74 7.22
N ALA B 127 5.85 15.42 7.24
CA ALA B 127 5.90 14.64 5.99
C ALA B 127 4.46 14.43 5.45
N SER B 128 4.39 14.18 4.14
CA SER B 128 3.12 13.74 3.49
C SER B 128 2.00 14.71 3.69
N PHE B 129 2.27 15.98 3.41
CA PHE B 129 1.25 16.98 3.48
C PHE B 129 0.43 16.95 2.21
N ARG B 130 -0.74 16.38 2.32
N ARG B 130 -0.72 16.30 2.34
CA ARG B 130 -1.63 16.20 1.16
CA ARG B 130 -1.64 15.94 1.23
C ARG B 130 -3.01 15.86 1.70
C ARG B 130 -3.04 15.90 1.75
N MET B 131 -4.01 16.03 0.86
CA MET B 131 -5.43 15.94 1.27
C MET B 131 -5.87 14.53 1.21
N ASP B 132 -5.27 13.67 2.04
N ASP B 132 -5.37 13.74 2.15
CA ASP B 132 -5.60 12.22 1.99
CA ASP B 132 -5.50 12.26 2.09
C ASP B 132 -6.32 11.75 3.24
C ASP B 132 -6.49 11.71 3.09
N GLY B 133 -7.18 12.61 3.79
CA GLY B 133 -8.11 12.21 4.85
C GLY B 133 -9.51 12.13 4.33
N ASN B 134 -10.42 12.05 5.27
CA ASN B 134 -11.88 11.93 4.93
C ASN B 134 -12.39 13.20 4.25
N SER B 135 -12.98 13.04 3.06
CA SER B 135 -13.41 14.18 2.22
C SER B 135 -14.51 14.99 2.89
N SER B 136 -15.44 14.31 3.56
CA SER B 136 -16.53 15.04 4.28
C SER B 136 -15.95 15.92 5.40
N ALA B 137 -14.98 15.38 6.12
CA ALA B 137 -14.33 16.14 7.18
C ALA B 137 -13.55 17.29 6.62
N PHE B 138 -12.89 17.07 5.49
CA PHE B 138 -12.14 18.12 4.83
C PHE B 138 -13.04 19.32 4.55
N GLY B 139 -14.19 19.05 3.91
CA GLY B 139 -15.12 20.12 3.48
C GLY B 139 -15.69 20.94 4.61
N LYS B 140 -15.79 20.35 5.83
CA LYS B 140 -16.26 21.08 6.96
C LYS B 140 -15.24 22.06 7.54
N LEU B 141 -13.96 21.81 7.30
CA LEU B 141 -12.86 22.63 7.85
C LEU B 141 -12.25 23.63 6.84
N TYR B 142 -12.25 23.27 5.55
CA TYR B 142 -11.51 24.00 4.56
C TYR B 142 -12.40 24.24 3.38
N SER B 143 -12.35 25.43 2.83
CA SER B 143 -13.27 25.81 1.77
C SER B 143 -12.66 25.70 0.38
N SER B 144 -11.35 25.41 0.27
CA SER B 144 -10.68 25.28 -1.00
C SER B 144 -9.32 24.68 -0.69
N VAL B 145 -8.59 24.34 -1.74
CA VAL B 145 -7.23 23.91 -1.60
C VAL B 145 -6.36 25.02 -0.99
N ASP B 146 -6.47 26.23 -1.51
CA ASP B 146 -5.70 27.33 -0.96
C ASP B 146 -6.00 27.57 0.52
N ASP B 147 -7.26 27.48 0.92
CA ASP B 147 -7.66 27.65 2.29
C ASP B 147 -7.07 26.53 3.14
N TRP B 148 -6.99 25.33 2.60
CA TRP B 148 -6.32 24.23 3.33
C TRP B 148 -4.81 24.49 3.59
N VAL B 149 -4.13 25.03 2.56
CA VAL B 149 -2.74 25.31 2.78
C VAL B 149 -2.58 26.47 3.76
N ALA B 150 -3.33 27.57 3.51
CA ALA B 150 -3.26 28.74 4.38
C ALA B 150 -3.52 28.42 5.87
N LYS B 151 -4.61 27.69 6.13
CA LYS B 151 -4.94 27.26 7.48
C LYS B 151 -3.89 26.34 8.09
N SER B 152 -3.34 25.47 7.27
CA SER B 152 -2.33 24.57 7.71
C SER B 152 -1.04 25.29 8.04
N GLN B 153 -0.61 26.21 7.18
CA GLN B 153 0.55 26.96 7.49
C GLN B 153 0.44 27.66 8.84
N LYS B 154 -0.69 28.29 9.10
CA LYS B 154 -0.90 28.97 10.38
C LYS B 154 -0.86 27.96 11.56
N GLN B 155 -1.61 26.88 11.39
CA GLN B 155 -1.73 25.82 12.41
C GLN B 155 -0.38 25.20 12.73
N PHE B 156 0.41 24.93 11.70
CA PHE B 156 1.74 24.33 11.90
C PHE B 156 2.66 25.33 12.56
N SER B 157 2.59 26.59 12.15
CA SER B 157 3.55 27.58 12.70
C SER B 157 3.32 27.77 14.20
N GLU B 158 2.06 27.68 14.62
CA GLU B 158 1.75 27.82 16.03
C GLU B 158 2.33 26.72 16.89
N ILE B 159 2.65 25.59 16.31
N ILE B 159 2.57 25.57 16.25
CA ILE B 159 3.29 24.58 17.12
CA ILE B 159 3.25 24.40 16.88
C ILE B 159 4.72 24.38 16.65
C ILE B 159 4.74 24.41 16.68
N GLY B 160 5.25 25.37 15.92
CA GLY B 160 6.66 25.44 15.60
C GLY B 160 7.12 24.50 14.48
N PHE B 161 6.23 24.10 13.58
CA PHE B 161 6.57 23.46 12.33
C PHE B 161 6.44 24.46 11.19
N HIS B 162 7.39 24.44 10.28
CA HIS B 162 7.44 25.42 9.18
C HIS B 162 7.66 24.90 7.82
N SER B 163 7.85 23.58 7.71
CA SER B 163 8.17 22.97 6.43
C SER B 163 7.34 21.71 6.25
N VAL B 164 7.12 21.37 4.98
CA VAL B 164 6.52 20.10 4.60
C VAL B 164 7.53 19.40 3.71
N CYS B 165 7.82 18.17 4.03
CA CYS B 165 8.97 17.47 3.41
C CYS B 165 8.59 16.03 3.02
N ALA B 166 8.53 15.83 1.70
CA ALA B 166 8.34 14.56 1.01
C ALA B 166 6.88 14.12 0.90
N PHE B 167 6.61 13.41 -0.16
CA PHE B 167 5.39 12.64 -0.34
C PHE B 167 4.13 13.51 -0.47
N GLY B 168 4.28 14.72 -0.96
CA GLY B 168 3.11 15.55 -1.24
C GLY B 168 2.35 15.15 -2.48
N LYS B 169 3.00 14.42 -3.38
CA LYS B 169 2.48 14.05 -4.71
C LYS B 169 2.22 15.28 -5.53
N GLU B 170 1.74 15.10 -6.74
CA GLU B 170 1.51 16.23 -7.65
C GLU B 170 0.63 17.31 -6.99
N GLU B 171 -0.49 16.85 -6.42
CA GLU B 171 -1.52 17.77 -5.93
C GLU B 171 -1.03 18.54 -4.72
N GLY B 172 -0.42 17.86 -3.78
CA GLY B 172 0.11 18.53 -2.60
C GLY B 172 1.24 19.47 -2.93
N ASP B 173 2.19 19.01 -3.74
CA ASP B 173 3.32 19.85 -4.11
C ASP B 173 2.83 21.15 -4.80
N LYS B 174 1.89 21.02 -5.74
CA LYS B 174 1.38 22.19 -6.48
C LYS B 174 0.61 23.13 -5.55
N ALA B 175 -0.18 22.56 -4.65
CA ALA B 175 -0.95 23.37 -3.71
C ALA B 175 -0.08 24.26 -2.86
N VAL B 176 1.00 23.70 -2.34
CA VAL B 176 1.92 24.46 -1.54
C VAL B 176 2.68 25.46 -2.41
N ASN B 177 3.12 25.01 -3.57
CA ASN B 177 3.88 25.90 -4.47
C ASN B 177 3.05 27.11 -4.86
N ASP B 178 1.80 26.90 -5.21
CA ASP B 178 0.88 28.01 -5.55
C ASP B 178 0.67 28.96 -4.39
N TYR B 179 0.45 28.41 -3.18
CA TYR B 179 0.22 29.25 -2.00
C TYR B 179 1.41 30.09 -1.70
N ASN B 180 2.61 29.54 -1.81
CA ASN B 180 3.80 30.27 -1.44
C ASN B 180 4.11 31.43 -2.36
N LYS B 181 3.58 31.42 -3.59
CA LYS B 181 3.81 32.57 -4.49
C LYS B 181 3.24 33.88 -3.98
N SER B 182 2.17 33.86 -3.21
CA SER B 182 1.61 35.13 -2.68
C SER B 182 1.54 35.26 -1.16
N ALA B 183 1.97 34.21 -0.44
CA ALA B 183 1.77 34.10 1.00
C ALA B 183 2.65 35.06 1.74
N SER B 184 2.11 35.63 2.80
CA SER B 184 2.94 36.48 3.69
C SER B 184 3.87 35.54 4.48
N SER B 185 3.44 34.31 4.84
CA SER B 185 4.36 33.36 5.49
C SER B 185 4.30 32.06 4.72
N PRO B 186 5.43 31.68 4.12
CA PRO B 186 5.42 30.46 3.32
C PRO B 186 5.33 29.21 4.21
N LEU B 187 4.91 28.13 3.58
CA LEU B 187 5.11 26.80 4.13
C LEU B 187 6.20 26.13 3.28
N THR B 188 7.44 26.15 3.75
CA THR B 188 8.53 25.77 2.89
C THR B 188 8.48 24.28 2.55
N GLN B 189 8.83 23.95 1.31
CA GLN B 189 8.63 22.60 0.81
C GLN B 189 9.89 21.93 0.41
N ALA B 190 9.88 20.60 0.55
CA ALA B 190 11.03 19.76 0.10
C ALA B 190 10.46 18.56 -0.63
N PRO B 191 10.31 18.66 -1.95
CA PRO B 191 9.74 17.53 -2.67
C PRO B 191 10.66 16.29 -2.72
N SER B 192 10.02 15.14 -2.85
CA SER B 192 10.68 13.89 -3.07
C SER B 192 10.45 13.37 -4.48
N PHE B 193 11.50 12.78 -4.99
CA PHE B 193 11.58 12.22 -6.30
C PHE B 193 12.01 10.76 -6.19
N SER B 194 11.94 10.09 -7.33
N SER B 194 11.92 10.09 -7.34
CA SER B 194 12.27 8.67 -7.45
CA SER B 194 12.29 8.67 -7.48
C SER B 194 13.24 8.51 -8.66
C SER B 194 13.25 8.52 -8.67
N PHE B 195 14.51 8.92 -8.48
CA PHE B 195 15.45 9.02 -9.61
C PHE B 195 15.69 7.67 -10.25
N LEU B 196 15.97 6.64 -9.44
CA LEU B 196 16.31 5.37 -10.04
C LEU B 196 15.23 4.79 -10.92
N ALA B 197 13.99 4.86 -10.42
CA ALA B 197 12.82 4.39 -11.19
C ALA B 197 12.62 5.22 -12.45
N GLU B 198 12.81 6.55 -12.34
CA GLU B 198 12.67 7.39 -13.52
C GLU B 198 13.72 7.13 -14.54
N PHE B 199 14.93 6.87 -14.10
CA PHE B 199 16.00 6.50 -15.06
C PHE B 199 15.62 5.18 -15.80
N LYS B 200 15.19 4.17 -15.03
CA LYS B 200 14.77 2.90 -15.62
C LYS B 200 13.70 3.11 -16.66
N ASN B 201 12.72 3.94 -16.32
CA ASN B 201 11.63 4.18 -17.25
C ASN B 201 12.08 4.94 -18.46
N SER B 202 12.96 5.90 -18.29
N SER B 202 12.95 5.93 -18.26
CA SER B 202 13.48 6.67 -19.44
CA SER B 202 13.51 6.72 -19.38
C SER B 202 14.29 5.84 -20.42
C SER B 202 14.19 5.79 -20.39
N LYS B 203 15.01 4.85 -19.88
CA LYS B 203 15.83 3.99 -20.69
C LYS B 203 15.10 2.80 -21.29
N GLY B 204 13.87 2.58 -20.84
CA GLY B 204 13.13 1.45 -21.34
C GLY B 204 13.67 0.11 -20.95
N ILE B 205 14.20 0.05 -19.74
CA ILE B 205 14.86 -1.16 -19.28
C ILE B 205 14.14 -1.69 -18.03
N SER B 206 14.60 -2.85 -17.57
N SER B 206 14.56 -2.85 -17.56
CA SER B 206 14.12 -3.47 -16.37
CA SER B 206 14.06 -3.37 -16.32
C SER B 206 15.07 -3.21 -15.20
C SER B 206 15.04 -3.14 -15.20
N TYR B 207 14.60 -3.36 -13.99
CA TYR B 207 15.51 -3.31 -12.84
C TYR B 207 16.52 -4.46 -12.94
N PRO B 208 17.70 -4.28 -12.38
CA PRO B 208 18.71 -5.35 -12.42
C PRO B 208 18.18 -6.63 -11.74
N GLY B 209 18.41 -7.75 -12.42
CA GLY B 209 17.87 -9.03 -11.99
C GLY B 209 16.35 -9.09 -11.90
N GLN B 210 15.68 -8.19 -12.60
N GLN B 210 15.68 -8.19 -12.60
N GLN B 210 15.67 -8.21 -12.63
CA GLN B 210 14.23 -8.07 -12.53
CA GLN B 210 14.22 -8.08 -12.52
CA GLN B 210 14.20 -8.00 -12.48
C GLN B 210 13.74 -7.69 -11.13
C GLN B 210 13.74 -7.69 -11.12
C GLN B 210 13.80 -7.82 -11.07
N ASN B 211 14.67 -7.15 -10.30
CA ASN B 211 14.47 -7.02 -8.89
C ASN B 211 14.59 -5.56 -8.47
N VAL B 212 13.44 -4.96 -8.12
CA VAL B 212 13.39 -3.59 -7.66
C VAL B 212 14.38 -3.36 -6.52
N ASN B 213 14.61 -4.34 -5.67
CA ASN B 213 15.54 -4.12 -4.55
C ASN B 213 16.98 -3.97 -4.95
N LEU B 214 17.29 -4.26 -6.20
CA LEU B 214 18.63 -4.09 -6.74
C LEU B 214 18.73 -2.82 -7.60
N LYS B 215 17.74 -1.92 -7.52
N LYS B 215 17.74 -1.92 -7.47
CA LYS B 215 17.72 -0.79 -8.41
CA LYS B 215 17.65 -0.72 -8.29
C LYS B 215 18.93 0.14 -8.26
C LYS B 215 18.91 0.15 -8.23
N ILE B 216 19.63 0.15 -7.11
CA ILE B 216 20.86 0.93 -7.01
C ILE B 216 21.85 0.54 -8.09
N GLY B 217 21.79 -0.74 -8.53
CA GLY B 217 22.69 -1.18 -9.60
C GLY B 217 22.55 -0.47 -10.92
N LEU B 218 21.49 0.30 -11.11
CA LEU B 218 21.30 1.12 -12.30
C LEU B 218 22.38 2.21 -12.42
N VAL B 219 23.07 2.53 -11.34
CA VAL B 219 24.16 3.52 -11.45
C VAL B 219 25.31 3.04 -12.34
N PHE B 220 25.39 1.73 -12.57
CA PHE B 220 26.40 1.17 -13.45
C PHE B 220 26.00 1.09 -14.89
N TYR B 221 24.77 1.47 -15.20
CA TYR B 221 24.27 1.32 -16.52
C TYR B 221 24.65 2.55 -17.35
N ASP B 222 24.74 2.33 -18.66
CA ASP B 222 25.16 3.42 -19.52
C ASP B 222 24.16 4.59 -19.42
N GLY B 223 24.69 5.80 -19.37
CA GLY B 223 23.90 6.99 -19.39
C GLY B 223 23.35 7.52 -18.09
N TRP B 224 23.72 6.91 -16.96
CA TRP B 224 23.19 7.38 -15.70
C TRP B 224 23.59 8.82 -15.38
N ASP B 225 24.89 9.13 -15.52
CA ASP B 225 25.31 10.51 -15.23
C ASP B 225 24.61 11.54 -16.11
N GLU B 226 24.58 11.26 -17.40
CA GLU B 226 23.93 12.17 -18.35
C GLU B 226 22.44 12.34 -18.11
N TRP B 227 21.77 11.23 -17.80
CA TRP B 227 20.37 11.28 -17.55
C TRP B 227 20.06 12.16 -16.32
N CYS B 228 20.87 12.05 -15.28
CA CYS B 228 20.68 12.91 -14.12
C CYS B 228 20.71 14.41 -14.53
N LYS B 229 21.68 14.78 -15.36
CA LYS B 229 21.81 16.14 -15.80
C LYS B 229 20.57 16.57 -16.55
N GLU B 230 20.06 15.70 -17.45
CA GLU B 230 18.84 16.03 -18.16
C GLU B 230 17.65 16.15 -17.28
N TYR B 231 17.55 15.27 -16.28
CA TYR B 231 16.37 15.25 -15.43
C TYR B 231 16.28 16.53 -14.54
N LEU B 232 17.44 17.00 -14.05
CA LEU B 232 17.48 18.25 -13.27
C LEU B 232 17.02 19.46 -14.10
N ASN B 233 17.24 19.39 -15.42
CA ASN B 233 16.82 20.46 -16.32
C ASN B 233 15.44 20.31 -16.90
N SER B 234 14.77 19.21 -16.54
CA SER B 234 13.47 18.89 -17.09
C SER B 234 12.35 19.57 -16.33
N ASP B 235 11.13 19.42 -16.86
CA ASP B 235 9.92 19.91 -16.22
C ASP B 235 9.61 19.32 -14.88
N ALA B 236 10.30 18.22 -14.55
CA ALA B 236 10.12 17.64 -13.19
C ALA B 236 10.52 18.61 -12.08
N PHE B 237 11.42 19.51 -12.43
CA PHE B 237 11.91 20.52 -11.52
C PHE B 237 11.43 21.92 -11.82
N GLY B 238 10.46 22.03 -12.74
CA GLY B 238 9.98 23.34 -13.19
C GLY B 238 9.48 24.28 -12.12
N MET B 239 8.66 23.76 -11.23
CA MET B 239 8.12 24.64 -10.18
C MET B 239 9.06 24.83 -8.97
N PHE B 240 10.14 24.04 -8.92
CA PHE B 240 11.04 24.07 -7.79
C PHE B 240 12.32 24.84 -7.96
N ARG B 241 12.87 24.85 -9.17
N ARG B 241 12.85 24.85 -9.18
CA ARG B 241 14.11 25.56 -9.37
CA ARG B 241 14.04 25.59 -9.48
C ARG B 241 13.90 27.05 -9.26
C ARG B 241 13.84 27.05 -9.15
N ASN B 242 14.91 27.71 -8.71
CA ASN B 242 14.91 29.14 -8.51
C ASN B 242 13.76 29.68 -7.67
N ASN B 243 13.32 28.88 -6.73
CA ASN B 243 12.14 29.18 -5.95
C ASN B 243 12.60 29.30 -4.49
N PRO B 244 12.54 30.50 -3.92
CA PRO B 244 13.09 30.65 -2.54
C PRO B 244 12.36 29.91 -1.49
N ASP B 245 11.12 29.49 -1.74
CA ASP B 245 10.35 28.78 -0.69
C ASP B 245 10.52 27.26 -0.73
N VAL B 246 11.41 26.78 -1.56
CA VAL B 246 11.79 25.35 -1.67
C VAL B 246 13.08 25.16 -0.86
N LEU B 247 12.98 24.32 0.19
CA LEU B 247 14.11 24.01 1.04
C LEU B 247 15.19 23.23 0.29
N GLY B 248 14.76 22.26 -0.51
CA GLY B 248 15.68 21.38 -1.27
C GLY B 248 14.85 20.18 -1.75
N PHE B 249 15.52 19.14 -2.25
CA PHE B 249 14.82 17.95 -2.73
C PHE B 249 15.53 16.69 -2.29
N PHE B 250 14.71 15.64 -2.21
CA PHE B 250 15.21 14.27 -2.03
C PHE B 250 15.13 13.53 -3.35
N SER B 251 16.13 12.72 -3.65
CA SER B 251 16.19 12.02 -4.94
C SER B 251 15.57 10.63 -4.96
N ASP B 252 15.34 10.07 -3.78
CA ASP B 252 14.85 8.70 -3.59
C ASP B 252 14.55 8.56 -2.13
N ASN B 253 14.07 7.36 -1.73
CA ASN B 253 13.69 7.12 -0.36
C ASN B 253 14.03 5.66 -0.02
N GLU B 254 14.88 5.48 1.00
CA GLU B 254 15.16 4.13 1.51
C GLU B 254 15.64 3.18 0.44
N ILE B 255 16.68 3.61 -0.30
CA ILE B 255 17.35 2.71 -1.21
C ILE B 255 17.95 1.53 -0.48
N ASP B 256 17.77 0.35 -1.06
CA ASP B 256 18.41 -0.84 -0.53
C ASP B 256 19.89 -0.83 -0.92
N PHE B 257 20.71 -0.54 0.08
CA PHE B 257 22.18 -0.68 -0.02
C PHE B 257 22.71 -1.85 0.81
N SER B 258 21.80 -2.78 1.11
CA SER B 258 21.92 -3.95 2.02
C SER B 258 20.88 -3.78 3.12
N THR B 259 20.24 -4.86 3.55
CA THR B 259 19.32 -4.73 4.67
C THR B 259 19.69 -5.79 5.57
N TRP B 260 18.96 -5.73 6.68
CA TRP B 260 19.20 -6.75 7.70
C TRP B 260 19.02 -8.15 7.08
N GLY B 261 20.07 -9.00 7.19
CA GLY B 261 20.17 -10.31 6.59
C GLY B 261 20.30 -10.56 5.10
N ASN B 262 20.71 -9.52 4.37
CA ASN B 262 20.61 -9.50 2.90
C ASN B 262 21.62 -8.50 2.30
N ARG B 263 22.85 -8.95 2.09
CA ARG B 263 23.90 -8.11 1.59
C ARG B 263 23.66 -7.80 0.13
N LEU B 264 23.96 -6.54 -0.25
CA LEU B 264 23.82 -6.09 -1.62
C LEU B 264 24.76 -6.84 -2.55
N LEU B 265 26.04 -6.91 -2.17
CA LEU B 265 27.04 -7.50 -3.05
C LEU B 265 26.69 -8.97 -3.35
N ASP B 266 26.26 -9.73 -2.35
CA ASP B 266 25.89 -11.11 -2.56
C ASP B 266 24.83 -11.20 -3.67
N ARG B 267 23.83 -10.33 -3.56
CA ARG B 267 22.71 -10.40 -4.50
C ARG B 267 23.10 -9.99 -5.90
N PHE B 268 24.00 -9.00 -6.03
CA PHE B 268 24.46 -8.66 -7.35
C PHE B 268 25.22 -9.80 -8.03
N LEU B 269 26.04 -10.50 -7.25
CA LEU B 269 26.79 -11.61 -7.78
C LEU B 269 25.91 -12.77 -8.22
N LYS B 270 24.71 -12.85 -7.66
CA LYS B 270 23.76 -13.91 -8.01
C LYS B 270 22.77 -13.54 -9.09
N ILE B 271 22.92 -12.34 -9.70
CA ILE B 271 22.08 -11.98 -10.82
C ILE B 271 22.40 -13.02 -11.92
N SER B 272 21.34 -13.55 -12.51
N SER B 272 21.34 -13.58 -12.51
CA SER B 272 21.48 -14.69 -13.42
CA SER B 272 21.48 -14.67 -13.51
C SER B 272 21.96 -14.30 -14.83
C SER B 272 22.15 -14.18 -14.78
N ASN B 273 21.62 -13.09 -15.30
CA ASN B 273 22.18 -12.52 -16.53
C ASN B 273 23.54 -11.87 -16.27
N LYS B 274 24.61 -12.53 -16.72
CA LYS B 274 25.97 -12.07 -16.46
C LYS B 274 26.41 -10.92 -17.36
N GLN B 275 25.54 -10.46 -18.28
CA GLN B 275 25.76 -9.23 -18.99
C GLN B 275 25.07 -8.04 -18.30
N ASP B 276 24.36 -8.29 -17.21
CA ASP B 276 23.80 -7.15 -16.47
C ASP B 276 24.96 -6.25 -15.98
N PRO B 277 24.94 -4.93 -16.24
CA PRO B 277 26.00 -4.06 -15.70
C PRO B 277 26.16 -4.13 -14.21
N ALA B 278 25.07 -4.42 -13.46
CA ALA B 278 25.21 -4.56 -12.04
C ALA B 278 26.04 -5.79 -11.64
N TYR B 279 25.80 -6.88 -12.33
CA TYR B 279 26.61 -8.09 -12.15
C TYR B 279 28.06 -7.78 -12.52
N ILE B 280 28.26 -7.17 -13.68
CA ILE B 280 29.62 -6.89 -14.16
C ILE B 280 30.41 -6.02 -13.17
N ALA B 281 29.77 -5.01 -12.58
CA ALA B 281 30.37 -4.18 -11.57
C ALA B 281 30.76 -4.90 -10.32
N ALA B 282 29.85 -5.78 -9.87
CA ALA B 282 30.14 -6.52 -8.68
C ALA B 282 31.34 -7.45 -8.94
N ALA B 283 31.30 -8.12 -10.06
CA ALA B 283 32.37 -9.08 -10.40
C ALA B 283 33.72 -8.36 -10.57
N LYS B 284 33.73 -7.16 -11.17
CA LYS B 284 34.96 -6.37 -11.28
C LYS B 284 35.48 -5.92 -9.91
N PHE B 285 34.55 -5.54 -9.01
CA PHE B 285 34.94 -5.22 -7.69
C PHE B 285 35.68 -6.37 -6.99
N MET B 286 35.13 -7.56 -7.11
CA MET B 286 35.73 -8.73 -6.49
C MET B 286 37.10 -9.01 -7.13
N THR B 287 37.19 -9.02 -8.44
CA THR B 287 38.46 -9.37 -9.05
C THR B 287 39.50 -8.31 -8.85
N ASP B 288 39.09 -7.06 -8.73
CA ASP B 288 40.01 -5.98 -8.36
C ASP B 288 40.58 -6.10 -6.93
N LYS B 289 39.87 -6.82 -6.10
CA LYS B 289 40.31 -7.18 -4.75
C LYS B 289 41.05 -8.50 -4.68
N ASP B 290 41.38 -9.08 -5.82
CA ASP B 290 42.05 -10.37 -5.92
C ASP B 290 41.25 -11.52 -5.42
N LYS B 291 39.93 -11.41 -5.60
CA LYS B 291 39.04 -12.46 -5.16
C LYS B 291 38.34 -12.97 -6.39
N SER B 292 37.55 -14.04 -6.27
CA SER B 292 36.69 -14.41 -7.37
C SER B 292 35.30 -13.82 -7.19
N ALA B 293 34.53 -13.83 -8.27
CA ALA B 293 33.19 -13.22 -8.34
C ALA B 293 32.20 -14.22 -7.81
N ASN B 294 32.39 -14.64 -6.54
CA ASN B 294 31.58 -15.67 -5.95
C ASN B 294 31.24 -15.21 -4.55
N VAL B 295 30.01 -15.51 -4.10
CA VAL B 295 29.59 -15.08 -2.76
C VAL B 295 30.44 -15.69 -1.68
N SER B 296 31.05 -16.87 -1.94
CA SER B 296 31.91 -17.47 -0.94
C SER B 296 33.11 -16.59 -0.55
N ASP B 297 33.44 -15.64 -1.42
CA ASP B 297 34.53 -14.69 -1.18
C ASP B 297 34.12 -13.35 -0.62
N VAL B 298 32.81 -13.15 -0.51
CA VAL B 298 32.28 -11.89 0.02
C VAL B 298 32.42 -11.88 1.51
N THR B 299 32.81 -10.76 2.07
CA THR B 299 32.86 -10.50 3.50
C THR B 299 32.02 -9.26 3.75
N ASP B 300 31.66 -9.04 4.99
CA ASP B 300 30.92 -7.83 5.38
C ASP B 300 31.66 -6.59 4.99
N GLU B 301 32.96 -6.59 5.11
CA GLU B 301 33.77 -5.40 4.76
C GLU B 301 33.72 -5.15 3.27
N LEU B 302 33.86 -6.19 2.46
CA LEU B 302 33.78 -6.03 1.02
C LEU B 302 32.36 -5.53 0.59
N ASN B 303 31.33 -6.12 1.20
CA ASN B 303 29.97 -5.67 0.94
C ASN B 303 29.81 -4.16 1.27
N ASN B 304 30.30 -3.78 2.44
CA ASN B 304 30.18 -2.39 2.86
C ASN B 304 30.87 -1.46 1.86
N GLU B 305 32.10 -1.82 1.48
N GLU B 305 32.08 -1.82 1.46
CA GLU B 305 32.87 -1.02 0.52
CA GLU B 305 32.82 -0.95 0.56
C GLU B 305 32.11 -0.91 -0.81
C GLU B 305 32.15 -0.92 -0.84
N PHE B 306 31.59 -2.04 -1.29
CA PHE B 306 30.87 -2.04 -2.55
C PHE B 306 29.62 -1.16 -2.50
N ALA B 307 28.88 -1.27 -1.43
CA ALA B 307 27.68 -0.43 -1.26
C ALA B 307 28.08 1.05 -1.30
N GLY B 308 29.26 1.35 -0.69
CA GLY B 308 29.78 2.69 -0.72
C GLY B 308 30.11 3.18 -2.12
N ILE B 309 30.65 2.30 -2.98
CA ILE B 309 30.87 2.64 -4.38
C ILE B 309 29.58 2.97 -5.11
N CYS B 310 28.54 2.16 -4.82
CA CYS B 310 27.26 2.41 -5.37
C CYS B 310 26.75 3.84 -4.94
N ALA B 311 26.87 4.15 -3.68
CA ALA B 311 26.50 5.42 -3.16
C ALA B 311 27.27 6.56 -3.82
N GLU B 312 28.60 6.39 -3.96
CA GLU B 312 29.42 7.41 -4.62
C GLU B 312 28.91 7.67 -6.02
N LYS B 313 28.64 6.61 -6.79
N LYS B 313 28.61 6.63 -6.78
CA LYS B 313 28.20 6.79 -8.17
CA LYS B 313 28.20 6.84 -8.15
C LYS B 313 26.82 7.49 -8.20
C LYS B 313 26.79 7.42 -8.24
N TYR B 314 25.95 7.14 -7.25
CA TYR B 314 24.61 7.66 -7.13
C TYR B 314 24.66 9.15 -6.80
N TYR B 315 25.18 9.47 -5.61
CA TYR B 315 25.18 10.84 -5.12
C TYR B 315 25.99 11.78 -6.01
N SER B 316 27.15 11.35 -6.47
CA SER B 316 27.95 12.26 -7.33
C SER B 316 27.20 12.64 -8.57
N ALA B 317 26.53 11.70 -9.22
CA ALA B 317 25.79 12.04 -10.42
C ALA B 317 24.74 13.08 -10.20
N ILE B 318 24.06 12.98 -9.06
CA ILE B 318 22.97 13.88 -8.76
C ILE B 318 23.52 15.29 -8.39
N LYS B 319 24.55 15.34 -7.55
N LYS B 319 24.55 15.34 -7.55
N LYS B 319 24.57 15.34 -7.58
CA LYS B 319 25.17 16.63 -7.24
CA LYS B 319 25.22 16.63 -7.25
CA LYS B 319 25.18 16.63 -7.25
C LYS B 319 25.73 17.29 -8.50
C LYS B 319 25.72 17.29 -8.52
C LYS B 319 25.72 17.30 -8.53
N ASN B 320 26.40 16.51 -9.35
CA ASN B 320 26.94 17.07 -10.60
C ASN B 320 25.83 17.58 -11.51
N ALA B 321 24.68 16.90 -11.47
CA ALA B 321 23.52 17.33 -12.26
C ALA B 321 23.00 18.67 -11.74
N VAL B 322 22.93 18.83 -10.45
CA VAL B 322 22.45 20.08 -9.87
C VAL B 322 23.48 21.22 -10.26
N LYS B 323 24.79 20.94 -10.13
CA LYS B 323 25.80 21.96 -10.39
C LYS B 323 25.76 22.43 -11.82
N ALA B 324 25.42 21.52 -12.73
CA ALA B 324 25.34 21.81 -14.18
C ALA B 324 24.01 22.36 -14.66
N SER B 325 23.05 22.45 -13.76
CA SER B 325 21.65 22.71 -14.12
C SER B 325 21.36 24.22 -14.20
N LYS B 326 20.11 24.49 -14.53
CA LYS B 326 19.55 25.84 -14.52
C LYS B 326 19.51 26.47 -13.15
N ASP B 327 19.71 25.67 -12.09
CA ASP B 327 19.70 26.20 -10.74
C ASP B 327 20.67 25.48 -9.81
N PRO B 328 21.92 25.91 -9.83
CA PRO B 328 22.92 25.26 -9.00
C PRO B 328 22.75 25.50 -7.51
N GLU B 329 21.90 26.43 -7.13
CA GLU B 329 21.67 26.77 -5.72
C GLU B 329 20.57 25.94 -5.06
N LEU B 330 19.93 25.07 -5.83
CA LEU B 330 18.91 24.18 -5.23
C LEU B 330 19.61 23.16 -4.33
N LEU B 331 19.18 23.02 -3.09
CA LEU B 331 19.84 22.09 -2.19
C LEU B 331 19.44 20.66 -2.43
N TYR B 332 20.45 19.79 -2.44
CA TYR B 332 20.24 18.38 -2.58
C TYR B 332 20.31 17.79 -1.17
N LEU B 333 19.18 17.19 -0.76
CA LEU B 333 18.99 16.68 0.58
C LEU B 333 19.09 15.14 0.70
N GLY B 334 19.62 14.49 -0.30
CA GLY B 334 19.96 13.07 -0.22
C GLY B 334 18.80 12.14 -0.54
N SER B 335 18.98 10.88 -0.07
CA SER B 335 18.12 9.78 -0.46
C SER B 335 17.38 9.12 0.67
N ARG B 336 17.45 9.68 1.85
CA ARG B 336 16.61 9.22 2.98
C ARG B 336 17.07 7.82 3.38
N LEU B 337 18.29 7.80 3.89
CA LEU B 337 18.95 6.53 4.31
C LEU B 337 18.24 5.96 5.49
N HIS B 338 18.30 4.66 5.58
CA HIS B 338 17.50 3.95 6.64
C HIS B 338 18.27 2.66 7.01
N SER B 339 17.64 1.86 7.88
CA SER B 339 18.02 0.42 8.03
C SER B 339 19.50 0.32 8.32
N LEU B 340 20.18 -0.63 7.69
CA LEU B 340 21.61 -0.76 7.78
C LEU B 340 22.40 0.28 6.99
N PRO B 341 21.95 0.74 5.83
CA PRO B 341 22.82 1.67 5.07
C PRO B 341 23.24 2.91 5.83
N LYS B 342 22.37 3.44 6.72
CA LYS B 342 22.73 4.63 7.44
C LYS B 342 23.89 4.42 8.41
N TYR B 343 24.22 3.15 8.72
CA TYR B 343 25.35 2.85 9.56
C TYR B 343 26.62 2.58 8.81
N ASN B 344 26.54 2.50 7.48
CA ASN B 344 27.70 2.17 6.66
C ASN B 344 28.56 3.39 6.38
N SER B 345 29.71 3.44 7.04
CA SER B 345 30.59 4.60 6.94
C SER B 345 30.95 4.95 5.52
N TYR B 346 31.08 3.97 4.59
CA TYR B 346 31.40 4.29 3.23
C TYR B 346 30.26 5.04 2.54
N ILE B 347 29.04 4.76 2.93
CA ILE B 347 27.90 5.45 2.34
C ILE B 347 27.81 6.86 2.92
N ILE B 348 27.96 6.99 4.23
CA ILE B 348 27.95 8.32 4.82
C ILE B 348 29.09 9.18 4.28
N LYS B 349 30.28 8.58 4.04
CA LYS B 349 31.35 9.34 3.45
C LYS B 349 30.95 9.86 2.07
N ALA B 350 30.32 9.02 1.27
CA ALA B 350 29.87 9.45 -0.05
C ALA B 350 28.81 10.54 0.05
N ALA B 351 27.81 10.30 0.88
CA ALA B 351 26.79 11.32 1.07
C ALA B 351 27.38 12.66 1.52
N GLY B 352 28.35 12.61 2.40
CA GLY B 352 28.91 13.84 2.92
C GLY B 352 29.67 14.65 1.87
N LYS B 353 30.21 13.98 0.87
CA LYS B 353 30.92 14.63 -0.23
C LYS B 353 29.97 15.33 -1.21
N TYR B 354 28.78 14.75 -1.42
CA TYR B 354 27.88 15.20 -2.47
C TYR B 354 26.57 15.78 -2.09
N CYS B 355 26.02 15.45 -0.95
CA CYS B 355 24.76 16.01 -0.58
C CYS B 355 25.03 17.30 0.14
N ASP B 356 24.11 18.26 0.03
CA ASP B 356 24.14 19.44 0.90
C ASP B 356 23.77 19.11 2.32
N VAL B 357 22.75 18.22 2.47
CA VAL B 357 22.35 17.69 3.77
C VAL B 357 22.10 16.20 3.54
N ILE B 358 22.56 15.36 4.46
CA ILE B 358 22.33 13.94 4.39
C ILE B 358 20.97 13.66 5.09
N SER B 359 20.06 13.08 4.40
CA SER B 359 18.77 12.73 5.00
C SER B 359 18.77 11.28 5.48
N ILE B 360 18.21 11.10 6.66
CA ILE B 360 18.14 9.80 7.34
C ILE B 360 16.76 9.60 7.94
N ASN B 361 16.12 8.50 7.59
CA ASN B 361 14.89 8.07 8.22
C ASN B 361 15.30 7.25 9.42
N TYR B 362 14.80 7.61 10.61
CA TYR B 362 15.36 7.09 11.84
C TYR B 362 14.32 6.25 12.62
N TYR B 363 14.38 4.95 12.42
CA TYR B 363 13.44 4.00 12.98
C TYR B 363 14.15 2.94 13.78
N SER B 364 13.37 2.29 14.65
CA SER B 364 13.76 1.06 15.40
C SER B 364 14.70 1.32 16.54
N LYS B 365 14.85 2.60 16.95
CA LYS B 365 15.61 2.93 18.12
C LYS B 365 14.79 3.88 19.00
N TRP B 366 14.76 3.60 20.30
CA TRP B 366 14.08 4.50 21.23
C TRP B 366 14.80 5.83 21.36
N SER B 367 16.13 5.79 21.40
CA SER B 367 16.95 6.98 21.56
C SER B 367 17.85 7.18 20.34
N PRO B 368 17.97 8.40 19.84
CA PRO B 368 19.01 8.66 18.86
C PRO B 368 20.38 8.22 19.44
N GLU B 369 21.20 7.63 18.60
CA GLU B 369 22.44 7.01 18.99
C GLU B 369 23.61 7.98 18.85
N LYS B 370 23.99 8.63 19.94
CA LYS B 370 24.95 9.71 19.86
C LYS B 370 26.30 9.25 19.36
N GLY B 371 26.69 8.02 19.67
CA GLY B 371 27.93 7.51 19.10
C GLY B 371 27.90 7.45 17.58
N TYR B 372 26.78 6.95 17.02
CA TYR B 372 26.66 6.90 15.58
C TYR B 372 26.55 8.28 15.01
N MET B 373 25.83 9.21 15.66
CA MET B 373 25.69 10.57 15.10
C MET B 373 27.04 11.30 15.09
N ASP B 374 27.88 11.05 16.11
CA ASP B 374 29.22 11.58 16.13
C ASP B 374 30.09 10.96 15.03
N GLY B 375 29.93 9.69 14.78
CA GLY B 375 30.54 9.04 13.65
C GLY B 375 30.13 9.67 12.33
N TRP B 376 28.84 9.95 12.17
CA TRP B 376 28.37 10.60 10.98
C TRP B 376 29.03 11.97 10.76
N LYS B 377 29.27 12.69 11.84
CA LYS B 377 29.95 13.98 11.72
C LYS B 377 31.34 13.81 11.12
N ASN B 378 32.07 12.81 11.62
CA ASN B 378 33.38 12.55 11.13
C ASN B 378 33.39 11.98 9.69
N GLN B 379 32.58 10.96 9.45
CA GLN B 379 32.55 10.28 8.15
C GLN B 379 32.13 11.24 7.04
N ALA B 380 31.15 12.11 7.33
CA ALA B 380 30.63 13.06 6.35
C ALA B 380 31.51 14.27 6.13
N GLY B 381 32.64 14.37 6.84
CA GLY B 381 33.44 15.58 6.72
C GLY B 381 32.73 16.81 7.25
N GLY B 382 31.83 16.58 8.21
CA GLY B 382 31.00 17.67 8.76
C GLY B 382 29.76 18.06 8.02
N THR B 383 29.53 17.47 6.84
CA THR B 383 28.24 17.76 6.18
C THR B 383 27.15 17.31 7.10
N PRO B 384 26.16 18.16 7.33
CA PRO B 384 25.13 17.81 8.33
C PRO B 384 24.12 16.80 7.80
N PHE B 385 23.37 16.26 8.75
CA PHE B 385 22.24 15.40 8.45
C PHE B 385 20.93 16.03 8.96
N MET B 386 19.84 15.49 8.44
CA MET B 386 18.52 15.83 8.95
C MET B 386 17.74 14.49 9.07
N VAL B 387 16.93 14.40 10.10
CA VAL B 387 16.06 13.23 10.27
C VAL B 387 14.74 13.47 9.52
N THR B 388 14.56 12.70 8.44
CA THR B 388 13.44 12.91 7.56
C THR B 388 12.18 12.15 7.98
N GLU B 389 12.27 11.16 8.84
CA GLU B 389 11.09 10.46 9.34
C GLU B 389 11.39 9.95 10.72
N PHE B 390 10.42 10.10 11.61
CA PHE B 390 10.33 9.37 12.88
C PHE B 390 8.92 9.63 13.42
N TYR B 391 8.43 8.69 14.24
CA TYR B 391 7.13 8.77 14.93
C TYR B 391 6.92 7.61 15.85
N THR B 392 5.88 7.77 16.65
CA THR B 392 5.23 6.68 17.41
C THR B 392 3.77 6.67 17.15
N LYS B 393 3.12 5.53 17.45
CA LYS B 393 1.70 5.30 17.23
C LYS B 393 1.06 5.17 18.62
N GLY B 394 -0.15 5.64 18.79
CA GLY B 394 -0.93 5.54 20.05
C GLY B 394 -1.91 4.39 20.04
N GLU B 395 -1.76 3.52 21.04
CA GLU B 395 -2.76 2.43 21.23
C GLU B 395 -4.17 2.92 21.57
N ASP B 396 -4.25 4.09 22.20
CA ASP B 396 -5.54 4.71 22.63
C ASP B 396 -6.46 5.01 21.44
N THR B 397 -5.89 5.16 20.24
CA THR B 397 -6.72 5.34 19.03
C THR B 397 -7.56 4.17 18.66
N LYS B 398 -7.16 2.99 19.15
CA LYS B 398 -7.80 1.69 18.81
C LYS B 398 -7.72 1.29 17.36
N LEU B 399 -6.84 1.98 16.61
CA LEU B 399 -6.57 1.60 15.25
C LEU B 399 -5.71 0.35 15.15
N ASP B 400 -5.82 -0.34 14.00
CA ASP B 400 -5.05 -1.52 13.67
C ASP B 400 -3.62 -1.30 14.12
N ASN B 401 -2.97 -0.22 13.58
CA ASN B 401 -1.65 0.17 13.98
C ASN B 401 -0.51 -0.77 13.57
N SER B 402 -0.78 -1.74 12.70
CA SER B 402 0.26 -2.68 12.32
C SER B 402 1.25 -2.13 11.29
N SER B 403 0.77 -1.29 10.37
N SER B 403 0.78 -1.31 10.35
CA SER B 403 1.60 -0.80 9.30
CA SER B 403 1.64 -0.85 9.27
C SER B 403 2.67 0.11 9.85
C SER B 403 2.66 0.12 9.80
N GLY B 404 3.88 0.00 9.33
CA GLY B 404 4.93 0.96 9.68
C GLY B 404 5.78 0.57 10.85
N ALA B 405 6.98 1.14 10.88
CA ALA B 405 8.01 0.79 11.86
C ALA B 405 7.99 1.65 13.13
N GLY B 406 7.19 2.74 13.14
CA GLY B 406 7.14 3.51 14.38
C GLY B 406 6.63 2.67 15.53
N PHE B 407 7.24 2.81 16.71
CA PHE B 407 6.79 2.05 17.86
C PHE B 407 5.37 2.44 18.33
N VAL B 408 4.69 1.49 18.94
CA VAL B 408 3.40 1.74 19.60
C VAL B 408 3.69 2.15 21.04
N VAL B 409 3.07 3.25 21.47
CA VAL B 409 3.03 3.70 22.87
C VAL B 409 1.58 3.67 23.33
N ARG B 410 1.36 3.95 24.61
CA ARG B 410 -0.03 3.71 25.14
C ARG B 410 -1.05 4.71 24.71
N ASP B 411 -0.66 5.99 24.56
CA ASP B 411 -1.63 7.04 24.28
C ASP B 411 -0.94 8.27 23.73
N GLN B 412 -1.74 9.28 23.41
CA GLN B 412 -1.21 10.45 22.77
C GLN B 412 -0.22 11.19 23.62
N GLN B 413 -0.46 11.29 24.91
CA GLN B 413 0.58 11.87 25.81
C GLN B 413 1.90 11.20 25.70
N ASN B 414 1.90 9.89 25.65
CA ASN B 414 3.15 9.16 25.51
C ASN B 414 3.81 9.32 24.14
N ARG B 415 3.00 9.53 23.08
CA ARG B 415 3.58 9.94 21.80
C ARG B 415 4.29 11.27 21.96
N GLY B 416 3.72 12.18 22.76
CA GLY B 416 4.35 13.44 23.04
C GLY B 416 5.64 13.27 23.84
N PHE B 417 5.67 12.39 24.83
CA PHE B 417 6.93 12.11 25.57
C PHE B 417 7.95 11.55 24.60
N ALA B 418 7.55 10.61 23.72
CA ALA B 418 8.50 10.05 22.76
C ALA B 418 9.03 11.10 21.84
N TYR B 419 8.18 12.01 21.39
CA TYR B 419 8.66 13.11 20.53
C TYR B 419 9.72 13.91 21.23
N GLN B 420 9.46 14.28 22.47
CA GLN B 420 10.44 15.05 23.24
C GLN B 420 11.72 14.33 23.45
N HIS B 421 11.62 13.03 23.76
CA HIS B 421 12.82 12.24 23.98
C HIS B 421 13.70 12.16 22.74
N PHE B 422 13.06 11.87 21.61
CA PHE B 422 13.82 11.67 20.37
C PHE B 422 14.41 13.02 19.91
N THR B 423 13.62 14.08 19.97
CA THR B 423 14.10 15.39 19.49
C THR B 423 15.18 15.94 20.40
N LEU B 424 15.06 15.77 21.71
CA LEU B 424 16.11 16.24 22.56
C LEU B 424 17.41 15.54 22.23
N GLY B 425 17.35 14.22 21.88
CA GLY B 425 18.56 13.56 21.49
C GLY B 425 19.15 14.12 20.20
N LEU B 426 18.31 14.54 19.25
CA LEU B 426 18.81 15.15 18.02
C LEU B 426 19.36 16.55 18.24
N LEU B 427 18.76 17.30 19.16
CA LEU B 427 19.22 18.66 19.41
C LEU B 427 20.63 18.70 19.96
N GLU B 428 21.04 17.61 20.61
CA GLU B 428 22.42 17.53 21.10
C GLU B 428 23.46 17.34 20.00
N ALA B 429 23.04 16.80 18.86
CA ALA B 429 23.92 16.54 17.71
C ALA B 429 24.13 17.84 16.92
N LYS B 430 25.35 18.35 16.99
CA LYS B 430 25.68 19.64 16.35
C LYS B 430 25.74 19.54 14.81
N ASN B 431 25.75 18.29 14.32
CA ASN B 431 25.67 18.02 12.89
C ASN B 431 24.28 17.71 12.39
N CYS B 432 23.27 17.85 13.23
CA CYS B 432 21.90 17.64 12.83
C CYS B 432 21.26 19.04 12.67
N VAL B 433 20.71 19.29 11.49
CA VAL B 433 20.08 20.58 11.20
C VAL B 433 18.57 20.55 11.41
N GLY B 434 18.01 19.42 11.83
CA GLY B 434 16.64 19.34 12.24
C GLY B 434 15.98 18.04 11.78
N TRP B 435 14.66 18.06 11.75
CA TRP B 435 13.87 16.85 11.64
C TRP B 435 12.51 17.08 11.02
N VAL B 436 11.89 15.95 10.63
CA VAL B 436 10.58 15.90 10.00
C VAL B 436 9.78 14.79 10.67
N PHE B 437 8.66 15.14 11.28
CA PHE B 437 7.78 14.10 11.83
C PHE B 437 7.00 13.48 10.71
N PHE B 438 6.92 12.13 10.74
CA PHE B 438 6.17 11.34 9.77
C PHE B 438 4.93 10.88 10.54
N LYS B 439 3.76 11.42 10.24
CA LYS B 439 3.43 12.26 9.08
C LYS B 439 2.19 13.11 9.44
N TYR B 440 1.70 13.87 8.44
CA TYR B 440 0.59 14.81 8.63
C TYR B 440 -0.70 14.13 9.14
N LEU B 441 -1.20 13.11 8.41
CA LEU B 441 -2.46 12.45 8.78
C LEU B 441 -2.24 11.03 9.13
N ASP B 442 -3.13 10.53 9.99
CA ASP B 442 -3.26 9.08 10.12
C ASP B 442 -3.57 8.43 8.82
N ASP B 443 -3.16 7.19 8.66
CA ASP B 443 -3.77 6.32 7.69
C ASP B 443 -5.19 6.00 8.28
N GLU B 444 -6.09 5.51 7.43
CA GLU B 444 -7.42 5.17 7.93
C GLU B 444 -7.32 4.15 9.10
N ASP B 445 -6.30 3.29 9.09
CA ASP B 445 -6.13 2.20 10.05
C ASP B 445 -4.79 2.23 10.81
N CYS B 446 -4.09 3.37 10.88
CA CYS B 446 -2.89 3.39 11.67
C CYS B 446 -2.55 4.83 12.10
N ASN B 447 -2.19 4.96 13.37
CA ASN B 447 -1.99 6.26 14.00
C ASN B 447 -0.54 6.76 13.76
N LYS B 448 -0.32 7.14 12.50
CA LYS B 448 0.91 7.80 12.03
C LYS B 448 0.86 9.30 12.10
N GLY B 449 -0.31 9.88 12.32
CA GLY B 449 -0.54 11.28 12.07
C GLY B 449 -0.41 12.17 13.26
N MET B 450 -0.09 13.43 12.99
N MET B 450 -0.08 13.43 13.00
CA MET B 450 -0.29 14.51 13.93
CA MET B 450 -0.26 14.51 13.96
C MET B 450 -1.76 14.88 14.01
C MET B 450 -1.74 14.89 14.01
N LEU B 451 -2.44 14.67 12.90
CA LEU B 451 -3.93 14.79 12.81
C LEU B 451 -4.54 13.45 12.54
N ASP B 452 -5.79 13.22 12.98
CA ASP B 452 -6.47 11.95 12.66
C ASP B 452 -7.00 12.02 11.23
N TYR B 453 -7.70 10.94 10.80
CA TYR B 453 -8.13 10.83 9.43
C TYR B 453 -9.19 11.84 9.04
N ASN B 454 -9.83 12.42 10.04
CA ASN B 454 -10.79 13.51 9.83
C ASN B 454 -10.14 14.89 10.04
N TYR B 455 -8.81 14.96 9.93
CA TYR B 455 -8.07 16.26 10.02
C TYR B 455 -8.18 16.91 11.42
N LYS B 456 -8.47 16.12 12.47
CA LYS B 456 -8.59 16.69 13.80
C LYS B 456 -7.24 16.47 14.49
N PRO B 457 -6.62 17.55 14.99
CA PRO B 457 -5.31 17.38 15.63
C PRO B 457 -5.35 16.55 16.92
N TYR B 458 -4.29 15.83 17.15
CA TYR B 458 -4.02 15.17 18.41
C TYR B 458 -3.38 16.10 19.37
N THR B 459 -4.19 16.87 20.09
CA THR B 459 -3.60 17.96 20.90
C THR B 459 -2.73 17.51 22.05
N SER B 460 -2.89 16.30 22.56
CA SER B 460 -1.93 15.86 23.63
C SER B 460 -0.56 15.62 23.04
N LEU B 461 -0.51 15.28 21.76
CA LEU B 461 0.74 15.21 21.06
C LEU B 461 1.29 16.59 20.72
N THR B 462 0.43 17.40 20.09
CA THR B 462 0.91 18.70 19.59
C THR B 462 1.37 19.66 20.67
N LYS B 463 0.80 19.53 21.86
CA LYS B 463 1.24 20.36 22.96
C LYS B 463 2.67 20.04 23.38
C LYS B 463 2.70 20.04 23.36
N TYR B 464 3.03 18.76 23.42
CA TYR B 464 4.44 18.39 23.73
C TYR B 464 5.37 18.70 22.54
N MET B 465 4.88 18.60 21.29
CA MET B 465 5.69 18.96 20.14
C MET B 465 6.02 20.45 20.25
N SER B 466 5.01 21.27 20.56
N SER B 466 5.03 21.27 20.58
CA SER B 466 5.20 22.72 20.66
CA SER B 466 5.27 22.72 20.58
C SER B 466 6.29 23.05 21.65
C SER B 466 6.24 23.12 21.67
N ASP B 467 6.24 22.42 22.81
CA ASP B 467 7.18 22.78 23.88
C ASP B 467 8.62 22.63 23.40
N ILE B 468 8.88 21.59 22.62
CA ILE B 468 10.17 21.46 22.02
C ILE B 468 10.39 22.46 20.87
N ASN B 469 9.49 22.48 19.91
CA ASN B 469 9.68 23.17 18.68
C ASN B 469 9.85 24.66 18.88
N TRP B 470 9.10 25.24 19.84
CA TRP B 470 9.26 26.64 20.16
C TRP B 470 10.57 26.98 20.74
N ASN B 471 11.21 26.00 21.35
CA ASN B 471 12.40 26.21 22.13
C ASN B 471 13.72 25.69 21.54
N VAL B 472 13.70 25.22 20.28
CA VAL B 472 14.86 24.59 19.76
C VAL B 472 16.12 25.49 19.85
N TYR B 473 15.94 26.81 19.57
CA TYR B 473 17.08 27.69 19.50
C TYR B 473 17.69 27.86 20.90
N ASN B 474 16.85 27.97 21.93
CA ASN B 474 17.43 28.13 23.27
C ASN B 474 17.82 26.80 23.90
N LEU B 475 17.20 25.68 23.47
CA LEU B 475 17.71 24.36 23.84
C LEU B 475 19.10 24.11 23.28
N ILE B 476 19.34 24.51 22.05
CA ILE B 476 20.63 24.42 21.43
C ILE B 476 21.67 25.21 22.19
N ASP B 477 21.32 26.42 22.61
CA ASP B 477 22.25 27.20 23.43
C ASP B 477 22.57 26.45 24.75
N TYR B 478 21.54 25.91 25.37
CA TYR B 478 21.68 25.10 26.64
C TYR B 478 22.62 23.91 26.42
N PHE B 479 22.39 23.16 25.33
CA PHE B 479 23.25 21.98 25.07
C PHE B 479 24.65 22.32 24.71
N ASP B 480 24.85 23.39 23.95
CA ASP B 480 26.16 23.69 23.45
C ASP B 480 27.04 24.49 24.39
N LYS B 481 26.48 25.11 25.42
CA LYS B 481 27.18 26.19 26.20
C LYS B 481 28.46 25.80 26.90
C1 EDO C . 15.23 -22.34 -7.04
O1 EDO C . 14.67 -22.79 -5.76
C2 EDO C . 14.32 -22.44 -8.25
O2 EDO C . 13.17 -21.55 -8.10
C1 EDO D . -3.59 -13.02 -1.91
O1 EDO D . -4.78 -13.62 -1.45
C2 EDO D . -2.82 -12.35 -0.80
O2 EDO D . -3.62 -11.24 -0.35
C1 EDO E . -2.77 -21.54 -0.47
O1 EDO E . -2.35 -22.18 -1.70
C2 EDO E . -2.34 -20.06 -0.47
O2 EDO E . -3.29 -19.42 -1.38
C1 EDO F . -27.34 -20.26 -21.48
O1 EDO F . -26.40 -20.86 -22.39
C2 EDO F . -28.68 -20.91 -21.50
O2 EDO F . -29.09 -21.26 -22.84
C1 EDO G . -3.60 -9.00 -5.34
O1 EDO G . -2.60 -8.47 -6.02
C2 EDO G . -3.20 -10.37 -4.92
O2 EDO G . -2.06 -10.44 -3.99
C1 EDO H . -6.47 -29.12 -13.01
O1 EDO H . -5.44 -30.02 -12.69
C2 EDO H . -7.84 -29.76 -12.93
O2 EDO H . -8.01 -30.22 -11.55
C1 EDO I . -34.98 -16.95 -25.15
O1 EDO I . -34.67 -17.95 -26.16
C2 EDO I . -36.26 -17.38 -24.41
O2 EDO I . -37.35 -17.62 -25.35
C1 EDO J . 2.05 -7.08 -1.07
O1 EDO J . 2.48 -7.89 -2.17
C2 EDO J . 1.24 -6.06 -1.81
O2 EDO J . 0.14 -6.78 -2.40
C1 EDO K . 4.67 -3.79 -22.78
O1 EDO K . 4.15 -2.73 -21.93
C2 EDO K . 3.54 -4.66 -23.26
O2 EDO K . 2.46 -3.87 -23.80
C1 EDO L . -11.57 -29.30 7.42
O1 EDO L . -11.99 -30.60 7.02
C2 EDO L . -10.46 -29.00 6.46
O2 EDO L . -10.97 -28.69 5.18
C1 EDO M . -31.40 -11.85 -1.37
O1 EDO M . -30.36 -12.15 -0.41
C2 EDO M . -32.41 -13.02 -1.50
O2 EDO M . -31.49 -14.13 -1.71
C1 EDO N . -37.09 -0.07 8.75
O1 EDO N . -36.93 1.37 8.65
C2 EDO N . -38.35 -0.46 9.53
O2 EDO N . -38.19 -0.04 10.88
C1 EDO O . -41.82 -17.03 -18.18
O1 EDO O . -40.88 -17.00 -17.13
C2 EDO O . -40.95 -16.93 -19.39
O2 EDO O . -40.55 -15.59 -19.67
C1 EDO P . -3.02 -29.37 -16.20
O1 EDO P . -3.82 -28.74 -15.18
C2 EDO P . -2.31 -28.30 -16.99
O2 EDO P . -2.75 -28.04 -18.39
C1 EDO Q . 7.92 3.61 8.60
O1 EDO Q . 7.83 2.19 8.34
C2 EDO Q . 6.85 4.41 7.92
O2 EDO Q . 5.65 4.05 8.42
C1 EDO R . 27.54 -5.75 6.32
O1 EDO R . 28.17 -5.95 5.08
C2 EDO R . 26.11 -5.96 6.27
O2 EDO R . 25.32 -5.26 5.33
C1 EDO S . 11.29 0.52 6.98
O1 EDO S . 10.77 1.08 5.79
C2 EDO S . 11.54 1.72 7.84
O2 EDO S . 12.76 2.37 7.44
C1 EDO T . 30.21 17.72 21.19
O1 EDO T . 31.05 18.09 20.09
C2 EDO T . 29.33 16.67 20.59
O2 EDO T . 27.95 17.01 20.77
#